data_3W7D
#
_entry.id   3W7D
#
_cell.length_a   67.994
_cell.length_b   71.567
_cell.length_c   129.346
_cell.angle_alpha   90.000
_cell.angle_beta   90.000
_cell.angle_gamma   90.000
#
_symmetry.space_group_name_H-M   'P 21 21 21'
#
loop_
_entity.id
_entity.type
_entity.pdbx_description
1 polymer 'Dihydroorotate dehydrogenase (fumarate)'
2 non-polymer '5-[2-(8-methoxynaphthalen-2-yl)ethyl]-2,6-dioxo-1,2,3,6-tetrahydropyrimidine-4-carboxylic acid'
3 non-polymer GLYCEROL
4 non-polymer 'FLAVIN MONONUCLEOTIDE'
5 non-polymer 'COBALT HEXAMMINE(III)'
6 water water
#
_entity_poly.entity_id   1
_entity_poly.type   'polypeptide(L)'
_entity_poly.pdbx_seq_one_letter_code
;MCLKLNLLDHVFANPFMNAAGVLCSTEEDLRCMTASSSGALVSKSCTSAPRDGNPEPRYMAFPLGSINSMGLPNLGFDFY
LKYASDLHDYSKKPLFLSISGLSVEENVAMVRRLAPVAQEKGVLLELNLSCPNVPGKPQVAYDFEAMRTYLQQVSLAYGL
PFGVKMPPYFDIAHFDTAAAVLNEFPLVKFVTCVNSVGNGLVIDAESESVVIKPKQGFGGLGGKYILPTALANVNAFYRR
CPDKLVFGCGGVYSGEDAFLHILAGASMVQVGTALQEEGPGIFTRLEDELLEIMARKGYRTLEEFRGRVKTIE
;
_entity_poly.pdbx_strand_id   A,B
#
loop_
_chem_comp.id
_chem_comp.type
_chem_comp.name
_chem_comp.formula
FMN non-polymer 'FLAVIN MONONUCLEOTIDE' 'C17 H21 N4 O9 P'
GOL non-polymer GLYCEROL 'C3 H8 O3'
NCO non-polymer 'COBALT HEXAMMINE(III)' 'Co H18 N6 3'
W7D non-polymer '5-[2-(8-methoxynaphthalen-2-yl)ethyl]-2,6-dioxo-1,2,3,6-tetrahydropyrimidine-4-carboxylic acid' 'C18 H16 N2 O5'
#
# COMPACT_ATOMS: atom_id res chain seq x y z
N MET A 1 17.81 18.93 -26.24
CA MET A 1 17.28 18.40 -24.98
C MET A 1 15.93 19.01 -24.65
N CYS A 2 14.86 18.23 -24.80
CA CYS A 2 13.50 18.70 -24.55
C CYS A 2 12.63 17.64 -23.89
N LEU A 3 11.65 18.09 -23.11
CA LEU A 3 10.71 17.20 -22.44
C LEU A 3 9.44 16.95 -23.25
N LYS A 4 9.36 17.56 -24.43
CA LYS A 4 8.14 17.50 -25.24
C LYS A 4 7.82 16.09 -25.73
N LEU A 5 6.53 15.75 -25.74
CA LEU A 5 6.06 14.45 -26.20
C LEU A 5 4.81 14.60 -27.07
N ASN A 6 4.59 13.64 -27.96
CA ASN A 6 3.51 13.60 -28.91
CA ASN A 6 3.48 13.63 -28.84
C ASN A 6 2.87 12.28 -28.69
N LEU A 7 1.68 12.28 -28.13
CA LEU A 7 0.91 11.06 -27.90
C LEU A 7 -0.56 11.26 -27.96
N LEU A 8 -1.29 10.20 -28.24
CA LEU A 8 -2.73 10.27 -28.38
C LEU A 8 -3.16 11.36 -29.34
N ASP A 9 -2.35 11.60 -30.35
CA ASP A 9 -2.66 12.64 -31.37
C ASP A 9 -2.72 14.05 -30.80
N HIS A 10 -1.97 14.27 -29.72
CA HIS A 10 -1.78 15.60 -29.11
C HIS A 10 -0.32 15.87 -28.89
N VAL A 11 0.01 17.15 -28.72
CA VAL A 11 1.35 17.58 -28.45
C VAL A 11 1.37 18.21 -27.05
N PHE A 12 2.39 17.78 -26.31
CA PHE A 12 2.56 18.17 -24.89
C PHE A 12 3.94 18.84 -24.70
N ALA A 13 4.01 20.02 -24.10
CA ALA A 13 5.28 20.67 -23.93
C ALA A 13 6.21 19.96 -23.02
N ASN A 14 5.61 19.17 -22.09
CA ASN A 14 6.36 18.44 -21.07
C ASN A 14 5.41 17.38 -20.54
N PRO A 15 5.91 16.41 -19.78
CA PRO A 15 5.04 15.31 -19.28
C PRO A 15 4.17 15.63 -18.10
N PHE A 16 4.34 16.78 -17.51
CA PHE A 16 3.68 17.01 -16.17
C PHE A 16 2.30 17.50 -16.30
N MET A 17 1.47 17.01 -15.39
CA MET A 17 0.08 17.45 -15.26
C MET A 17 -0.37 17.28 -13.83
N ASN A 18 -1.46 17.93 -13.45
CA ASN A 18 -2.05 17.57 -12.17
C ASN A 18 -2.58 16.20 -12.15
N ALA A 19 -2.65 15.61 -10.93
CA ALA A 19 -3.48 14.44 -10.73
C ALA A 19 -4.95 14.79 -10.52
N ALA A 20 -5.85 13.96 -11.01
CA ALA A 20 -7.21 14.28 -10.90
C ALA A 20 -7.55 14.49 -9.43
N GLY A 21 -8.35 15.52 -9.23
CA GLY A 21 -8.84 15.94 -7.94
C GLY A 21 -8.06 17.08 -7.36
N VAL A 22 -6.82 17.30 -7.80
CA VAL A 22 -6.04 18.39 -7.19
C VAL A 22 -6.07 19.57 -8.18
N LEU A 23 -6.45 20.73 -7.67
CA LEU A 23 -6.43 22.00 -8.43
C LEU A 23 -7.20 21.92 -9.74
N CYS A 24 -8.37 21.25 -9.71
CA CYS A 24 -9.14 21.06 -10.94
C CYS A 24 -10.67 21.06 -10.80
N SER A 25 -11.19 21.51 -9.67
CA SER A 25 -12.62 21.35 -9.41
C SER A 25 -13.53 22.46 -9.95
N THR A 26 -13.06 23.68 -9.89
CA THR A 26 -13.79 24.84 -10.32
C THR A 26 -13.21 25.47 -11.57
N GLU A 27 -13.96 26.37 -12.21
CA GLU A 27 -13.42 27.10 -13.31
C GLU A 27 -12.09 27.84 -12.97
N GLU A 28 -12.05 28.45 -11.78
CA GLU A 28 -10.87 29.11 -11.33
C GLU A 28 -9.70 28.12 -11.32
N ASP A 29 -9.93 26.93 -10.73
CA ASP A 29 -8.87 25.93 -10.63
C ASP A 29 -8.36 25.54 -12.02
N LEU A 30 -9.28 25.32 -12.97
CA LEU A 30 -8.91 24.89 -14.32
C LEU A 30 -8.18 25.98 -15.06
N ARG A 31 -8.58 27.24 -14.90
CA ARG A 31 -7.84 28.36 -15.50
CA ARG A 31 -7.85 28.38 -15.50
C ARG A 31 -6.44 28.45 -14.87
N CYS A 32 -6.34 28.16 -13.57
CA CYS A 32 -5.03 28.22 -12.93
C CYS A 32 -4.11 27.16 -13.43
N MET A 33 -4.65 25.93 -13.54
CA MET A 33 -3.82 24.85 -14.15
C MET A 33 -3.45 25.18 -15.59
N THR A 34 -4.39 25.75 -16.33
CA THR A 34 -4.09 26.12 -17.72
C THR A 34 -2.96 27.17 -17.82
N ALA A 35 -2.97 28.10 -16.90
CA ALA A 35 -1.94 29.12 -16.85
C ALA A 35 -0.56 28.66 -16.38
N SER A 36 -0.53 27.51 -15.75
CA SER A 36 0.70 26.98 -15.22
C SER A 36 1.56 26.44 -16.35
N SER A 37 2.75 26.01 -15.97
CA SER A 37 3.68 25.46 -16.92
C SER A 37 3.48 23.98 -17.14
N SER A 38 2.40 23.42 -16.62
CA SER A 38 2.11 21.99 -16.82
C SER A 38 1.84 21.66 -18.29
N GLY A 39 2.30 20.49 -18.74
CA GLY A 39 2.11 20.09 -20.14
C GLY A 39 0.66 19.73 -20.47
N ALA A 40 -0.14 19.44 -19.44
CA ALA A 40 -1.58 19.17 -19.60
C ALA A 40 -2.28 19.38 -18.25
N LEU A 41 -3.63 19.22 -18.25
CA LEU A 41 -4.44 19.23 -17.04
C LEU A 41 -5.52 18.22 -17.14
N VAL A 42 -6.00 17.77 -15.98
CA VAL A 42 -7.19 16.87 -15.90
C VAL A 42 -8.17 17.48 -14.96
N SER A 43 -9.48 17.36 -15.25
CA SER A 43 -10.52 17.85 -14.35
C SER A 43 -10.82 16.90 -13.22
N LYS A 44 -11.41 17.41 -12.17
CA LYS A 44 -11.91 16.66 -11.08
C LYS A 44 -12.86 15.57 -11.51
N SER A 45 -12.68 14.39 -10.97
CA SER A 45 -13.60 13.30 -11.35
C SER A 45 -15.03 13.74 -11.05
N CYS A 46 -15.91 13.57 -12.04
CA CYS A 46 -17.26 14.05 -11.90
C CYS A 46 -18.32 12.95 -11.97
N THR A 47 -19.47 13.38 -11.40
CA THR A 47 -20.72 12.64 -11.37
C THR A 47 -21.73 13.40 -12.17
N SER A 48 -22.84 12.71 -12.51
CA SER A 48 -23.90 13.36 -13.27
C SER A 48 -24.45 14.61 -12.63
N ALA A 49 -24.70 14.48 -11.34
CA ALA A 49 -25.19 15.60 -10.52
C ALA A 49 -24.06 16.23 -9.67
N PRO A 50 -24.15 17.52 -9.35
CA PRO A 50 -23.17 18.14 -8.47
C PRO A 50 -23.24 17.51 -7.08
N ARG A 51 -22.10 17.28 -6.45
CA ARG A 51 -22.06 16.61 -5.15
C ARG A 51 -21.38 17.43 -4.05
N ASP A 52 -22.05 17.54 -2.91
CA ASP A 52 -21.51 18.24 -1.75
C ASP A 52 -20.25 17.56 -1.22
N GLY A 53 -20.27 16.23 -1.20
CA GLY A 53 -19.15 15.44 -0.73
C GLY A 53 -19.13 15.21 0.78
N ASN A 54 -18.13 14.49 1.24
CA ASN A 54 -17.99 14.14 2.65
C ASN A 54 -17.65 15.33 3.55
N PRO A 55 -18.14 15.28 4.78
CA PRO A 55 -17.88 16.32 5.72
C PRO A 55 -16.39 16.60 6.00
N GLU A 56 -16.08 17.84 6.31
CA GLU A 56 -14.73 18.29 6.63
C GLU A 56 -14.44 18.11 8.12
N PRO A 57 -13.18 17.89 8.49
CA PRO A 57 -11.97 17.82 7.57
C PRO A 57 -11.92 16.51 6.78
N ARG A 58 -11.51 16.62 5.53
CA ARG A 58 -11.56 15.43 4.64
C ARG A 58 -10.24 15.27 3.87
N TYR A 59 -9.33 16.20 4.05
CA TYR A 59 -7.95 16.17 3.48
C TYR A 59 -7.02 16.70 4.53
N MET A 60 -5.91 15.95 4.73
CA MET A 60 -4.81 16.43 5.55
C MET A 60 -3.49 16.04 5.02
N ALA A 61 -2.46 16.87 5.14
CA ALA A 61 -1.16 16.57 4.66
C ALA A 61 -0.11 16.73 5.72
N PHE A 62 0.97 16.04 5.52
CA PHE A 62 2.05 15.81 6.50
C PHE A 62 3.34 15.62 5.75
N PRO A 63 4.51 15.64 6.44
CA PRO A 63 5.77 15.61 5.67
C PRO A 63 5.93 14.42 4.71
N LEU A 64 5.30 13.30 5.02
CA LEU A 64 5.45 12.16 4.16
C LEU A 64 4.29 11.91 3.23
N GLY A 65 3.29 12.76 3.25
CA GLY A 65 2.15 12.65 2.29
C GLY A 65 0.85 13.15 2.78
N SER A 66 -0.24 12.60 2.26
CA SER A 66 -1.55 13.11 2.56
C SER A 66 -2.54 11.92 2.69
N ILE A 67 -3.65 12.21 3.34
CA ILE A 67 -4.80 11.32 3.43
C ILE A 67 -6.05 12.07 3.05
N ASN A 68 -6.97 11.44 2.37
CA ASN A 68 -8.17 12.11 1.99
C ASN A 68 -9.34 11.12 1.91
N SER A 69 -10.50 11.61 2.29
CA SER A 69 -11.77 11.03 1.89
C SER A 69 -12.71 12.14 1.41
N MET A 70 -12.39 12.69 0.27
CA MET A 70 -13.16 13.82 -0.26
C MET A 70 -14.62 13.50 -0.56
N GLY A 71 -14.87 12.33 -1.10
CA GLY A 71 -16.22 11.96 -1.41
C GLY A 71 -16.79 12.50 -2.70
N LEU A 72 -15.88 12.69 -3.83
CA LEU A 72 -16.35 13.29 -5.07
C LEU A 72 -17.17 14.59 -4.91
N PRO A 73 -16.60 15.50 -4.21
CA PRO A 73 -17.19 16.81 -4.37
C PRO A 73 -16.89 17.33 -5.77
N ASN A 74 -17.89 17.80 -6.50
CA ASN A 74 -17.66 18.25 -7.84
C ASN A 74 -18.85 19.07 -8.37
N LEU A 75 -18.62 19.78 -9.45
CA LEU A 75 -19.64 20.71 -10.00
C LEU A 75 -20.65 20.03 -10.91
N GLY A 76 -20.48 18.75 -11.11
CA GLY A 76 -21.39 17.92 -11.96
C GLY A 76 -20.88 17.93 -13.39
N PHE A 77 -21.22 16.87 -14.08
CA PHE A 77 -20.76 16.65 -15.41
C PHE A 77 -21.01 17.79 -16.40
N ASP A 78 -22.23 18.38 -16.40
CA ASP A 78 -22.53 19.43 -17.31
C ASP A 78 -21.51 20.57 -17.24
N PHE A 79 -21.06 20.90 -16.03
CA PHE A 79 -20.04 21.92 -15.87
C PHE A 79 -18.70 21.57 -16.54
N TYR A 80 -18.21 20.36 -16.29
CA TYR A 80 -16.96 19.96 -16.90
C TYR A 80 -17.03 19.79 -18.43
N LEU A 81 -18.19 19.31 -18.88
CA LEU A 81 -18.43 19.23 -20.36
C LEU A 81 -18.46 20.61 -20.98
N LYS A 82 -19.09 21.57 -20.30
CA LYS A 82 -19.09 22.97 -20.82
C LYS A 82 -17.68 23.55 -20.85
N TYR A 83 -16.92 23.28 -19.78
CA TYR A 83 -15.56 23.75 -19.74
C TYR A 83 -14.81 23.18 -20.97
N ALA A 84 -14.94 21.88 -21.19
CA ALA A 84 -14.29 21.22 -22.34
C ALA A 84 -14.77 21.78 -23.72
N SER A 85 -16.05 22.04 -23.82
CA SER A 85 -16.68 22.42 -25.09
CA SER A 85 -16.66 22.39 -25.10
C SER A 85 -16.48 23.88 -25.43
N ASP A 86 -16.50 24.78 -24.45
CA ASP A 86 -16.65 26.20 -24.64
C ASP A 86 -15.57 27.05 -23.99
N LEU A 87 -14.98 26.64 -22.87
CA LEU A 87 -14.09 27.52 -22.08
C LEU A 87 -12.61 27.22 -22.21
N HIS A 88 -12.26 25.93 -22.27
CA HIS A 88 -10.85 25.58 -22.32
C HIS A 88 -10.19 26.12 -23.62
N ASP A 89 -8.99 26.69 -23.43
CA ASP A 89 -8.17 27.05 -24.54
C ASP A 89 -7.17 25.97 -24.88
N TYR A 90 -7.52 25.16 -25.87
CA TYR A 90 -6.73 24.06 -26.40
C TYR A 90 -5.42 24.51 -27.09
N SER A 91 -5.26 25.81 -27.33
CA SER A 91 -3.94 26.24 -27.85
C SER A 91 -2.92 26.29 -26.70
N LYS A 92 -3.36 26.35 -25.43
CA LYS A 92 -2.43 26.34 -24.35
C LYS A 92 -1.89 24.95 -23.99
N LYS A 93 -2.76 23.97 -23.89
CA LYS A 93 -2.34 22.62 -23.63
C LYS A 93 -3.55 21.67 -23.75
N PRO A 94 -3.31 20.39 -23.82
CA PRO A 94 -4.44 19.43 -23.80
C PRO A 94 -5.17 19.31 -22.49
N LEU A 95 -6.44 18.95 -22.58
CA LEU A 95 -7.34 18.71 -21.46
C LEU A 95 -7.77 17.30 -21.43
N PHE A 96 -7.67 16.70 -20.24
CA PHE A 96 -8.35 15.42 -19.87
C PHE A 96 -9.52 15.72 -18.97
N LEU A 97 -10.60 14.95 -19.19
CA LEU A 97 -11.75 15.05 -18.39
C LEU A 97 -11.87 13.75 -17.66
N SER A 98 -11.91 13.72 -16.33
CA SER A 98 -12.07 12.52 -15.52
C SER A 98 -13.51 12.33 -15.13
N ILE A 99 -14.02 11.11 -15.36
CA ILE A 99 -15.33 10.75 -14.89
C ILE A 99 -15.32 9.64 -13.87
N SER A 100 -16.25 9.75 -12.93
CA SER A 100 -16.36 8.73 -11.87
C SER A 100 -17.78 8.56 -11.42
N GLY A 101 -18.60 8.06 -12.34
CA GLY A 101 -19.98 7.69 -11.97
C GLY A 101 -20.02 6.63 -10.91
N LEU A 102 -21.15 6.64 -10.24
CA LEU A 102 -21.40 5.79 -9.09
C LEU A 102 -22.05 4.45 -9.45
N SER A 103 -22.31 4.31 -10.73
CA SER A 103 -22.80 3.08 -11.36
C SER A 103 -22.36 3.04 -12.79
N VAL A 104 -22.43 1.87 -13.38
CA VAL A 104 -22.06 1.73 -14.79
C VAL A 104 -22.99 2.60 -15.63
N GLU A 105 -24.30 2.65 -15.30
CA GLU A 105 -25.20 3.43 -16.08
C GLU A 105 -24.96 4.95 -16.11
N GLU A 106 -24.52 5.46 -14.95
CA GLU A 106 -24.10 6.87 -14.84
C GLU A 106 -22.88 7.17 -15.71
N ASN A 107 -21.93 6.24 -15.71
CA ASN A 107 -20.71 6.44 -16.57
C ASN A 107 -21.12 6.45 -18.04
N VAL A 108 -21.98 5.45 -18.43
CA VAL A 108 -22.43 5.40 -19.80
C VAL A 108 -23.14 6.68 -20.27
N ALA A 109 -23.98 7.20 -19.38
CA ALA A 109 -24.71 8.40 -19.67
C ALA A 109 -23.81 9.61 -19.95
N MET A 110 -22.76 9.70 -19.13
CA MET A 110 -21.82 10.76 -19.32
C MET A 110 -20.97 10.56 -20.56
N VAL A 111 -20.42 9.35 -20.76
CA VAL A 111 -19.55 9.20 -21.96
C VAL A 111 -20.26 9.36 -23.33
N ARG A 112 -21.56 8.99 -23.32
CA ARG A 112 -22.34 9.22 -24.54
C ARG A 112 -22.40 10.67 -24.91
N ARG A 113 -22.52 11.56 -23.93
CA ARG A 113 -22.58 12.92 -24.22
C ARG A 113 -21.21 13.64 -24.36
N LEU A 114 -20.19 13.05 -23.71
CA LEU A 114 -18.79 13.54 -23.94
C LEU A 114 -18.22 13.26 -25.38
N ALA A 115 -18.64 12.11 -25.95
CA ALA A 115 -18.13 11.67 -27.27
C ALA A 115 -18.06 12.76 -28.30
N PRO A 116 -19.18 13.46 -28.59
CA PRO A 116 -19.07 14.42 -29.70
C PRO A 116 -18.11 15.57 -29.38
N VAL A 117 -17.97 15.94 -28.12
CA VAL A 117 -17.04 17.00 -27.76
C VAL A 117 -15.60 16.47 -27.83
N ALA A 118 -15.37 15.28 -27.38
CA ALA A 118 -14.07 14.60 -27.61
C ALA A 118 -13.69 14.61 -29.06
N GLN A 119 -14.61 14.18 -29.94
CA GLN A 119 -14.29 14.19 -31.37
C GLN A 119 -14.04 15.54 -31.93
N GLU A 120 -14.84 16.52 -31.59
CA GLU A 120 -14.67 17.87 -32.14
C GLU A 120 -13.57 18.69 -31.54
N LYS A 121 -13.40 18.61 -30.22
CA LYS A 121 -12.43 19.50 -29.53
C LYS A 121 -11.15 18.77 -29.05
N GLY A 122 -11.20 17.48 -28.98
CA GLY A 122 -10.06 16.70 -28.60
C GLY A 122 -9.76 16.55 -27.10
N VAL A 123 -10.74 16.90 -26.28
CA VAL A 123 -10.69 16.47 -24.88
C VAL A 123 -10.51 15.02 -24.77
N LEU A 124 -9.70 14.55 -23.80
CA LEU A 124 -9.40 13.17 -23.57
C LEU A 124 -10.05 12.64 -22.32
N LEU A 125 -10.70 11.49 -22.38
CA LEU A 125 -11.33 10.88 -21.25
C LEU A 125 -10.38 10.07 -20.41
N GLU A 126 -10.40 10.31 -19.09
CA GLU A 126 -9.81 9.43 -18.08
C GLU A 126 -10.97 8.89 -17.24
N LEU A 127 -11.25 7.59 -17.35
CA LEU A 127 -12.27 6.90 -16.62
C LEU A 127 -11.72 6.40 -15.29
N ASN A 128 -12.27 6.89 -14.15
CA ASN A 128 -11.78 6.51 -12.86
C ASN A 128 -12.38 5.17 -12.43
N LEU A 129 -11.54 4.13 -12.33
CA LEU A 129 -11.99 2.82 -11.92
C LEU A 129 -11.90 2.55 -10.43
N SER A 130 -11.55 3.59 -9.70
CA SER A 130 -11.99 3.68 -8.30
C SER A 130 -13.43 4.22 -7.96
N CYS A 131 -14.30 4.43 -8.96
CA CYS A 131 -15.62 4.90 -8.71
C CYS A 131 -16.18 3.83 -7.72
N PRO A 132 -16.97 4.29 -6.80
CA PRO A 132 -17.39 3.37 -5.74
C PRO A 132 -18.29 2.44 -6.46
N ASN A 133 -18.46 1.23 -6.00
CA ASN A 133 -19.38 0.25 -6.56
C ASN A 133 -20.60 0.18 -5.63
N VAL A 134 -21.22 -0.99 -5.55
CA VAL A 134 -22.25 -1.18 -4.55
C VAL A 134 -21.54 -1.25 -3.21
N PRO A 135 -22.04 -0.55 -2.19
CA PRO A 135 -21.41 -0.64 -0.89
C PRO A 135 -21.42 -2.04 -0.33
N GLY A 136 -20.32 -2.38 0.28
CA GLY A 136 -20.02 -3.72 0.68
C GLY A 136 -19.37 -4.59 -0.35
N LYS A 137 -19.18 -4.06 -1.55
CA LYS A 137 -18.35 -4.69 -2.50
C LYS A 137 -17.08 -3.80 -2.61
N PRO A 138 -16.02 -4.41 -3.06
CA PRO A 138 -14.80 -3.65 -3.29
C PRO A 138 -14.93 -2.64 -4.40
N GLN A 139 -14.04 -1.69 -4.41
CA GLN A 139 -14.06 -0.67 -5.41
C GLN A 139 -13.95 -1.33 -6.79
N VAL A 140 -14.50 -0.65 -7.80
CA VAL A 140 -14.62 -1.27 -9.13
C VAL A 140 -13.38 -2.06 -9.64
N ALA A 141 -12.20 -1.44 -9.56
CA ALA A 141 -11.03 -2.07 -10.10
C ALA A 141 -10.45 -3.16 -9.20
N TYR A 142 -11.02 -3.40 -8.03
CA TYR A 142 -10.68 -4.58 -7.23
C TYR A 142 -11.79 -5.67 -7.41
N ASP A 143 -12.73 -5.45 -8.30
CA ASP A 143 -13.81 -6.47 -8.63
C ASP A 143 -13.69 -6.67 -10.11
N PHE A 144 -12.92 -7.66 -10.53
CA PHE A 144 -12.54 -7.77 -11.94
C PHE A 144 -13.74 -7.97 -12.86
N GLU A 145 -14.74 -8.70 -12.38
CA GLU A 145 -15.95 -8.79 -13.22
C GLU A 145 -16.65 -7.48 -13.43
N ALA A 146 -16.77 -6.69 -12.34
CA ALA A 146 -17.32 -5.35 -12.49
C ALA A 146 -16.48 -4.49 -13.43
N MET A 147 -15.16 -4.55 -13.23
CA MET A 147 -14.29 -3.80 -14.10
C MET A 147 -14.50 -4.09 -15.59
N ARG A 148 -14.56 -5.39 -15.93
CA ARG A 148 -14.82 -5.82 -17.30
C ARG A 148 -16.15 -5.23 -17.79
N THR A 149 -17.21 -5.31 -16.97
CA THR A 149 -18.52 -4.74 -17.37
C THR A 149 -18.44 -3.24 -17.65
N TYR A 150 -17.75 -2.54 -16.77
CA TYR A 150 -17.68 -1.12 -16.98
C TYR A 150 -16.98 -0.79 -18.29
N LEU A 151 -15.85 -1.45 -18.53
CA LEU A 151 -15.07 -1.24 -19.76
C LEU A 151 -15.77 -1.68 -21.05
N GLN A 152 -16.58 -2.73 -20.97
CA GLN A 152 -17.36 -3.10 -22.13
C GLN A 152 -18.44 -2.03 -22.47
N GLN A 153 -19.11 -1.59 -21.42
CA GLN A 153 -20.21 -0.65 -21.60
C GLN A 153 -19.71 0.74 -21.96
N VAL A 154 -18.60 1.18 -21.34
CA VAL A 154 -18.09 2.44 -21.74
C VAL A 154 -17.46 2.38 -23.14
N SER A 155 -16.76 1.31 -23.47
CA SER A 155 -16.21 1.21 -24.86
C SER A 155 -17.33 1.34 -25.91
N LEU A 156 -18.43 0.62 -25.71
CA LEU A 156 -19.54 0.67 -26.68
C LEU A 156 -20.19 2.03 -26.73
N ALA A 157 -20.38 2.69 -25.61
CA ALA A 157 -21.06 3.97 -25.49
C ALA A 157 -20.25 5.12 -25.99
N TYR A 158 -18.92 5.03 -25.78
CA TYR A 158 -18.06 6.14 -26.14
C TYR A 158 -17.52 6.06 -27.56
N GLY A 159 -16.92 4.91 -27.85
CA GLY A 159 -16.52 4.61 -29.21
C GLY A 159 -15.25 5.27 -29.69
N LEU A 160 -14.49 5.86 -28.76
CA LEU A 160 -13.29 6.62 -29.04
C LEU A 160 -12.20 6.18 -28.09
N PRO A 161 -10.94 6.46 -28.45
CA PRO A 161 -9.84 6.16 -27.51
C PRO A 161 -10.05 6.87 -26.15
N PHE A 162 -9.75 6.16 -25.07
CA PHE A 162 -9.81 6.72 -23.72
C PHE A 162 -8.76 6.09 -22.84
N GLY A 163 -8.67 6.57 -21.61
CA GLY A 163 -7.81 5.90 -20.61
C GLY A 163 -8.53 5.65 -19.33
N VAL A 164 -7.85 4.92 -18.47
CA VAL A 164 -8.38 4.53 -17.22
C VAL A 164 -7.41 4.93 -16.07
N LYS A 165 -7.99 5.32 -14.92
CA LYS A 165 -7.22 5.55 -13.68
C LYS A 165 -7.39 4.35 -12.79
N MET A 166 -6.29 3.72 -12.40
CA MET A 166 -6.26 2.48 -11.64
C MET A 166 -5.77 2.65 -10.20
N PRO A 167 -6.38 1.90 -9.28
CA PRO A 167 -5.81 1.84 -7.94
C PRO A 167 -4.55 1.05 -8.00
N PRO A 168 -3.73 1.09 -6.96
CA PRO A 168 -2.57 0.21 -6.90
C PRO A 168 -2.98 -1.22 -6.59
N TYR A 169 -2.25 -2.15 -7.10
CA TYR A 169 -2.26 -3.55 -6.68
C TYR A 169 -0.96 -3.96 -6.03
N PHE A 170 -1.01 -5.07 -5.26
CA PHE A 170 0.02 -5.50 -4.34
C PHE A 170 0.43 -6.98 -4.50
N ASP A 171 -0.08 -7.62 -5.55
CA ASP A 171 0.23 -9.01 -5.83
C ASP A 171 0.65 -9.19 -7.29
N ILE A 172 1.64 -10.04 -7.51
CA ILE A 172 2.12 -10.30 -8.86
C ILE A 172 1.00 -10.91 -9.70
N ALA A 173 0.25 -11.83 -9.10
CA ALA A 173 -0.89 -12.44 -9.76
C ALA A 173 -1.96 -11.40 -10.07
N HIS A 174 -2.18 -10.50 -9.11
CA HIS A 174 -3.17 -9.43 -9.26
C HIS A 174 -2.83 -8.50 -10.42
N PHE A 175 -1.55 -8.18 -10.54
CA PHE A 175 -1.10 -7.28 -11.61
C PHE A 175 -1.37 -7.89 -12.97
N ASP A 176 -1.13 -9.19 -13.09
CA ASP A 176 -1.36 -9.90 -14.35
C ASP A 176 -2.83 -9.87 -14.73
N THR A 177 -3.70 -10.04 -13.73
CA THR A 177 -5.14 -10.03 -13.96
C THR A 177 -5.62 -8.69 -14.49
N ALA A 178 -5.08 -7.60 -13.93
CA ALA A 178 -5.45 -6.27 -14.37
C ALA A 178 -5.05 -6.05 -15.81
N ALA A 179 -3.86 -6.52 -16.17
CA ALA A 179 -3.36 -6.43 -17.53
C ALA A 179 -4.25 -7.22 -18.49
N ALA A 180 -4.68 -8.40 -18.04
CA ALA A 180 -5.51 -9.28 -18.86
C ALA A 180 -6.85 -8.64 -19.21
N VAL A 181 -7.45 -7.95 -18.25
CA VAL A 181 -8.76 -7.32 -18.47
C VAL A 181 -8.59 -6.10 -19.32
N LEU A 182 -7.65 -5.18 -18.99
CA LEU A 182 -7.45 -4.00 -19.82
C LEU A 182 -7.10 -4.31 -21.26
N ASN A 183 -6.28 -5.33 -21.47
CA ASN A 183 -5.90 -5.70 -22.82
C ASN A 183 -7.08 -6.32 -23.68
N GLU A 184 -8.21 -6.60 -23.04
CA GLU A 184 -9.43 -6.99 -23.81
C GLU A 184 -10.00 -5.77 -24.58
N PHE A 185 -9.62 -4.52 -24.22
CA PHE A 185 -10.29 -3.30 -24.67
C PHE A 185 -9.36 -2.47 -25.48
N PRO A 186 -9.34 -2.57 -26.79
CA PRO A 186 -8.48 -1.81 -27.62
C PRO A 186 -8.63 -0.27 -27.53
N LEU A 187 -9.81 0.20 -27.12
CA LEU A 187 -10.01 1.62 -27.03
C LEU A 187 -9.30 2.22 -25.78
N VAL A 188 -8.88 1.34 -24.89
CA VAL A 188 -8.16 1.79 -23.67
C VAL A 188 -6.71 2.03 -24.10
N LYS A 189 -6.38 3.28 -24.37
CA LYS A 189 -5.10 3.68 -24.93
C LYS A 189 -4.09 4.14 -23.89
N PHE A 190 -4.55 4.52 -22.72
CA PHE A 190 -3.63 4.84 -21.62
C PHE A 190 -4.18 4.33 -20.31
N VAL A 191 -3.23 4.00 -19.38
CA VAL A 191 -3.49 3.44 -18.02
C VAL A 191 -2.77 4.36 -17.10
N THR A 192 -3.48 4.99 -16.16
CA THR A 192 -2.82 5.87 -15.20
C THR A 192 -2.70 5.11 -13.90
N CYS A 193 -1.44 4.93 -13.47
CA CYS A 193 -1.09 4.17 -12.31
C CYS A 193 -0.33 5.11 -11.41
N VAL A 194 -0.80 5.50 -10.20
CA VAL A 194 -1.92 4.92 -9.41
C VAL A 194 -2.75 6.01 -8.76
N ASN A 195 -3.96 5.62 -8.47
CA ASN A 195 -4.78 6.28 -7.44
C ASN A 195 -4.36 5.95 -6.01
N SER A 196 -4.87 6.72 -5.05
CA SER A 196 -4.40 6.68 -3.68
C SER A 196 -4.40 5.28 -3.07
N VAL A 197 -3.37 4.98 -2.30
CA VAL A 197 -3.26 3.72 -1.57
C VAL A 197 -4.43 3.67 -0.53
N GLY A 198 -5.37 2.81 -0.75
CA GLY A 198 -6.67 2.88 -0.06
C GLY A 198 -6.65 2.63 1.39
N ASN A 199 -7.54 3.39 2.04
CA ASN A 199 -7.87 3.13 3.44
C ASN A 199 -6.74 2.98 4.38
N GLY A 200 -5.87 3.96 4.30
CA GLY A 200 -4.95 4.16 5.36
C GLY A 200 -5.54 4.88 6.54
N LEU A 201 -4.77 5.04 7.64
CA LEU A 201 -5.30 5.69 8.89
C LEU A 201 -4.15 6.47 9.50
N VAL A 202 -4.24 7.79 9.39
CA VAL A 202 -3.31 8.69 10.11
C VAL A 202 -3.90 9.07 11.47
N ILE A 203 -3.06 8.93 12.46
CA ILE A 203 -3.40 9.26 13.87
C ILE A 203 -2.42 10.30 14.41
N ASP A 204 -2.95 11.33 15.01
CA ASP A 204 -2.17 12.39 15.67
C ASP A 204 -1.87 11.95 17.10
N ALA A 205 -0.61 11.83 17.42
CA ALA A 205 -0.26 11.37 18.76
C ALA A 205 -0.66 12.32 19.87
N GLU A 206 -0.53 13.62 19.65
CA GLU A 206 -0.84 14.62 20.68
C GLU A 206 -2.31 14.66 21.12
N SER A 207 -3.20 14.57 20.15
CA SER A 207 -4.60 14.60 20.38
C SER A 207 -5.26 13.26 20.42
N GLU A 208 -4.48 12.23 20.09
CA GLU A 208 -4.99 10.84 20.15
C GLU A 208 -6.16 10.58 19.24
N SER A 209 -6.22 11.35 18.14
CA SER A 209 -7.37 11.38 17.26
C SER A 209 -6.92 11.11 15.83
N VAL A 210 -7.82 10.46 15.06
CA VAL A 210 -7.72 10.49 13.61
C VAL A 210 -7.78 11.93 13.10
N VAL A 211 -7.42 12.13 11.84
CA VAL A 211 -7.22 13.52 11.39
C VAL A 211 -8.23 13.93 10.32
N ILE A 212 -8.98 12.97 9.78
CA ILE A 212 -10.13 13.29 8.91
C ILE A 212 -11.39 12.71 9.51
N LYS A 213 -12.49 13.38 9.23
CA LYS A 213 -13.80 13.04 9.76
C LYS A 213 -14.50 11.85 9.11
N PRO A 214 -14.57 11.75 7.79
CA PRO A 214 -15.30 10.61 7.19
C PRO A 214 -14.69 9.29 7.61
N LYS A 215 -15.50 8.23 7.56
CA LYS A 215 -15.05 6.84 7.58
C LYS A 215 -14.17 6.59 8.77
N GLN A 216 -14.44 7.23 9.88
CA GLN A 216 -13.70 6.99 11.13
C GLN A 216 -12.21 7.20 10.99
N GLY A 217 -11.88 8.11 10.11
CA GLY A 217 -10.51 8.44 9.85
C GLY A 217 -9.80 7.75 8.70
N PHE A 218 -10.42 6.71 8.15
CA PHE A 218 -9.86 5.99 7.02
C PHE A 218 -9.89 6.85 5.77
N GLY A 219 -8.84 6.75 4.96
CA GLY A 219 -8.80 7.47 3.73
C GLY A 219 -7.63 7.10 2.83
N GLY A 220 -7.68 7.58 1.61
CA GLY A 220 -6.64 7.22 0.68
C GLY A 220 -5.37 8.05 0.87
N LEU A 221 -4.27 7.32 0.74
CA LEU A 221 -2.97 7.89 0.97
C LEU A 221 -2.30 8.31 -0.33
N GLY A 222 -1.63 9.44 -0.32
CA GLY A 222 -0.80 9.89 -1.42
C GLY A 222 0.53 10.40 -0.90
N GLY A 223 1.42 10.72 -1.77
CA GLY A 223 2.64 11.36 -1.44
C GLY A 223 3.86 10.42 -1.25
N LYS A 224 4.81 10.81 -0.39
CA LYS A 224 6.03 10.08 -0.27
C LYS A 224 5.80 8.64 0.16
N TYR A 225 4.73 8.39 0.95
CA TYR A 225 4.37 7.02 1.35
C TYR A 225 4.28 6.04 0.18
N ILE A 226 3.87 6.56 -0.97
CA ILE A 226 3.36 5.67 -2.00
C ILE A 226 4.28 5.58 -3.27
N LEU A 227 5.44 6.21 -3.31
CA LEU A 227 6.28 6.23 -4.53
C LEU A 227 6.69 4.84 -4.93
N PRO A 228 7.24 3.98 -4.03
CA PRO A 228 7.59 2.64 -4.56
C PRO A 228 6.41 1.79 -5.02
N THR A 229 5.27 1.98 -4.39
CA THR A 229 4.05 1.31 -4.85
C THR A 229 3.66 1.83 -6.26
N ALA A 230 3.73 3.14 -6.44
CA ALA A 230 3.39 3.75 -7.72
C ALA A 230 4.31 3.21 -8.81
N LEU A 231 5.63 3.24 -8.57
CA LEU A 231 6.59 2.79 -9.54
C LEU A 231 6.33 1.33 -9.95
N ALA A 232 6.06 0.47 -8.95
CA ALA A 232 5.78 -0.92 -9.20
C ALA A 232 4.59 -1.10 -10.18
N ASN A 233 3.55 -0.34 -9.90
CA ASN A 233 2.37 -0.43 -10.73
C ASN A 233 2.64 0.12 -12.12
N VAL A 234 3.31 1.27 -12.27
CA VAL A 234 3.66 1.77 -13.58
C VAL A 234 4.42 0.66 -14.33
N ASN A 235 5.46 0.15 -13.72
CA ASN A 235 6.28 -0.82 -14.45
C ASN A 235 5.51 -2.10 -14.75
N ALA A 236 4.69 -2.58 -13.79
CA ALA A 236 3.92 -3.82 -14.01
C ALA A 236 2.99 -3.67 -15.19
N PHE A 237 2.29 -2.57 -15.35
CA PHE A 237 1.39 -2.32 -16.49
C PHE A 237 2.17 -2.03 -17.72
N TYR A 238 3.29 -1.33 -17.61
CA TYR A 238 4.11 -1.01 -18.78
C TYR A 238 4.59 -2.31 -19.47
N ARG A 239 4.98 -3.30 -18.62
CA ARG A 239 5.45 -4.62 -19.11
C ARG A 239 4.29 -5.41 -19.67
N ARG A 240 3.13 -5.33 -19.11
CA ARG A 240 2.00 -6.21 -19.48
C ARG A 240 1.07 -5.61 -20.55
N CYS A 241 1.18 -4.31 -20.79
CA CYS A 241 0.31 -3.68 -21.80
C CYS A 241 1.11 -2.98 -22.85
N PRO A 242 1.77 -3.78 -23.73
CA PRO A 242 2.68 -3.17 -24.69
C PRO A 242 2.02 -2.30 -25.80
N ASP A 243 0.75 -2.43 -26.00
CA ASP A 243 0.06 -1.58 -26.95
C ASP A 243 -0.67 -0.42 -26.32
N LYS A 244 -0.39 -0.10 -25.03
CA LYS A 244 -1.00 1.02 -24.36
C LYS A 244 0.08 1.93 -23.80
N LEU A 245 -0.25 3.17 -23.55
CA LEU A 245 0.62 4.10 -22.78
C LEU A 245 0.31 3.87 -21.32
N VAL A 246 1.29 4.16 -20.48
CA VAL A 246 1.11 4.22 -19.04
C VAL A 246 1.47 5.62 -18.57
N PHE A 247 0.59 6.25 -17.81
CA PHE A 247 0.87 7.52 -17.18
C PHE A 247 1.15 7.20 -15.67
N GLY A 248 2.20 7.84 -15.15
CA GLY A 248 2.52 7.63 -13.77
C GLY A 248 1.96 8.67 -12.84
N CYS A 249 1.52 8.23 -11.69
CA CYS A 249 0.99 9.11 -10.66
C CYS A 249 1.32 8.46 -9.31
N GLY A 250 1.92 9.21 -8.43
CA GLY A 250 2.17 8.81 -7.04
C GLY A 250 3.53 9.15 -6.49
N GLY A 251 3.53 10.04 -5.49
CA GLY A 251 4.79 10.34 -4.87
C GLY A 251 5.73 11.22 -5.61
N VAL A 252 5.27 11.96 -6.61
CA VAL A 252 6.16 12.86 -7.26
C VAL A 252 6.26 14.22 -6.57
N TYR A 253 7.49 14.51 -6.07
CA TYR A 253 7.84 15.78 -5.50
C TYR A 253 9.02 16.43 -6.16
N SER A 254 9.70 15.78 -7.07
CA SER A 254 10.90 16.35 -7.60
C SER A 254 11.09 15.81 -9.00
N GLY A 255 12.03 16.38 -9.73
CA GLY A 255 12.35 15.87 -11.03
C GLY A 255 12.95 14.48 -10.99
N GLU A 256 13.65 14.18 -9.91
CA GLU A 256 14.20 12.85 -9.66
C GLU A 256 13.10 11.81 -9.54
N ASP A 257 12.02 12.16 -8.85
CA ASP A 257 10.87 11.21 -8.72
C ASP A 257 10.22 11.00 -10.10
N ALA A 258 10.11 12.08 -10.88
CA ALA A 258 9.56 12.00 -12.21
C ALA A 258 10.43 11.14 -13.10
N PHE A 259 11.74 11.34 -13.03
CA PHE A 259 12.67 10.49 -13.78
C PHE A 259 12.49 9.01 -13.45
N LEU A 260 12.31 8.63 -12.19
CA LEU A 260 12.04 7.27 -11.87
C LEU A 260 10.75 6.72 -12.45
N HIS A 261 9.66 7.50 -12.38
CA HIS A 261 8.46 7.15 -13.06
C HIS A 261 8.68 6.87 -14.56
N ILE A 262 9.43 7.75 -15.20
CA ILE A 262 9.65 7.66 -16.65
C ILE A 262 10.51 6.39 -16.92
N LEU A 263 11.57 6.15 -16.16
CA LEU A 263 12.31 4.92 -16.28
C LEU A 263 11.48 3.70 -16.10
N ALA A 264 10.49 3.71 -15.20
CA ALA A 264 9.52 2.64 -15.05
C ALA A 264 8.56 2.43 -16.16
N GLY A 265 8.39 3.42 -17.00
CA GLY A 265 7.56 3.34 -18.17
C GLY A 265 6.61 4.51 -18.36
N ALA A 266 6.57 5.50 -17.49
CA ALA A 266 5.57 6.54 -17.61
C ALA A 266 5.80 7.43 -18.82
N SER A 267 4.68 7.82 -19.47
CA SER A 267 4.68 8.83 -20.55
C SER A 267 4.24 10.25 -20.13
N MET A 268 3.07 10.40 -19.51
CA MET A 268 2.78 11.58 -18.68
C MET A 268 3.06 11.18 -17.22
N VAL A 269 3.29 12.26 -16.43
CA VAL A 269 3.60 12.17 -15.00
C VAL A 269 2.68 13.14 -14.32
N GLN A 270 1.86 12.59 -13.42
CA GLN A 270 0.82 13.41 -12.77
C GLN A 270 1.28 13.70 -11.30
N VAL A 271 0.86 14.84 -10.77
CA VAL A 271 1.31 15.38 -9.50
C VAL A 271 0.09 15.74 -8.65
N GLY A 272 -0.09 15.05 -7.53
CA GLY A 272 -1.25 15.18 -6.65
C GLY A 272 -0.84 15.93 -5.39
N THR A 273 -0.53 15.19 -4.36
CA THR A 273 -0.17 15.76 -3.05
C THR A 273 0.80 16.90 -3.13
N ALA A 274 1.89 16.69 -3.83
CA ALA A 274 2.92 17.74 -3.87
C ALA A 274 2.43 19.03 -4.48
N LEU A 275 1.55 18.95 -5.48
CA LEU A 275 0.93 20.12 -6.09
C LEU A 275 -0.09 20.77 -5.14
N GLN A 276 -0.86 19.97 -4.41
CA GLN A 276 -1.76 20.45 -3.38
C GLN A 276 -1.02 21.23 -2.34
N GLU A 277 0.15 20.80 -1.92
CA GLU A 277 0.94 21.44 -0.93
C GLU A 277 1.74 22.65 -1.38
N GLU A 278 2.36 22.57 -2.58
CA GLU A 278 3.25 23.58 -3.08
C GLU A 278 2.61 24.61 -4.00
N GLY A 279 1.54 24.22 -4.69
CA GLY A 279 0.97 25.03 -5.67
C GLY A 279 1.57 24.90 -7.04
N PRO A 280 0.98 25.51 -8.05
CA PRO A 280 1.34 25.29 -9.42
C PRO A 280 2.73 25.72 -9.85
N GLY A 281 3.39 26.52 -9.05
CA GLY A 281 4.81 26.81 -9.29
C GLY A 281 5.61 25.54 -9.33
N ILE A 282 5.09 24.45 -8.74
CA ILE A 282 5.86 23.20 -8.71
C ILE A 282 6.25 22.80 -10.13
N PHE A 283 5.46 23.10 -11.12
CA PHE A 283 5.75 22.61 -12.47
C PHE A 283 7.00 23.15 -13.05
N THR A 284 7.30 24.41 -12.78
CA THR A 284 8.61 24.92 -13.36
C THR A 284 9.77 24.24 -12.67
N ARG A 285 9.66 23.99 -11.37
CA ARG A 285 10.69 23.30 -10.61
C ARG A 285 10.90 21.93 -11.10
N LEU A 286 9.84 21.19 -11.31
CA LEU A 286 9.98 19.81 -11.80
C LEU A 286 10.62 19.75 -13.19
N GLU A 287 10.19 20.66 -14.04
CA GLU A 287 10.80 20.72 -15.39
C GLU A 287 12.28 20.98 -15.29
N ASP A 288 12.65 21.99 -14.55
CA ASP A 288 14.08 22.30 -14.41
C ASP A 288 14.87 21.14 -13.82
N GLU A 289 14.35 20.52 -12.77
CA GLU A 289 15.02 19.38 -12.15
C GLU A 289 15.15 18.19 -13.06
N LEU A 290 14.14 17.85 -13.81
CA LEU A 290 14.20 16.75 -14.75
C LEU A 290 15.24 17.08 -15.85
N LEU A 291 15.21 18.28 -16.36
CA LEU A 291 16.20 18.68 -17.39
C LEU A 291 17.59 18.61 -16.82
N GLU A 292 17.80 18.93 -15.54
CA GLU A 292 19.14 18.88 -15.01
C GLU A 292 19.64 17.44 -14.93
N ILE A 293 18.79 16.49 -14.53
CA ILE A 293 19.14 15.08 -14.51
C ILE A 293 19.43 14.59 -15.89
N MET A 294 18.63 14.91 -16.88
CA MET A 294 18.87 14.55 -18.26
C MET A 294 20.21 15.11 -18.72
N ALA A 295 20.49 16.35 -18.41
CA ALA A 295 21.79 16.96 -18.88
C ALA A 295 22.98 16.25 -18.27
N ARG A 296 22.92 15.87 -17.01
CA ARG A 296 24.05 15.17 -16.34
C ARG A 296 24.27 13.82 -17.00
N LYS A 297 23.23 13.18 -17.47
CA LYS A 297 23.26 11.84 -17.99
C LYS A 297 23.44 11.79 -19.48
N GLY A 298 23.37 12.94 -20.12
CA GLY A 298 23.47 12.99 -21.55
C GLY A 298 22.24 12.58 -22.30
N TYR A 299 21.05 12.56 -21.69
CA TYR A 299 19.80 12.27 -22.41
C TYR A 299 19.20 13.54 -22.97
N ARG A 300 18.85 13.49 -24.25
CA ARG A 300 18.25 14.63 -24.90
C ARG A 300 16.74 14.61 -24.98
N THR A 301 16.10 13.45 -24.97
CA THR A 301 14.66 13.31 -25.02
C THR A 301 14.20 12.28 -24.00
N LEU A 302 12.89 12.26 -23.75
CA LEU A 302 12.30 11.34 -22.78
C LEU A 302 12.32 9.90 -23.29
N GLU A 303 12.19 9.68 -24.61
CA GLU A 303 12.11 8.35 -25.16
C GLU A 303 13.47 7.64 -25.03
N GLU A 304 14.52 8.40 -24.75
CA GLU A 304 15.84 7.81 -24.60
C GLU A 304 15.83 6.83 -23.43
N PHE A 305 15.10 7.20 -22.39
CA PHE A 305 15.13 6.44 -21.12
C PHE A 305 13.78 5.92 -20.65
N ARG A 306 12.67 6.28 -21.30
CA ARG A 306 11.39 5.76 -20.89
C ARG A 306 11.36 4.26 -20.90
N GLY A 307 10.95 3.62 -19.80
CA GLY A 307 10.83 2.16 -19.69
C GLY A 307 12.17 1.43 -19.61
N ARG A 308 13.25 2.18 -19.49
CA ARG A 308 14.61 1.58 -19.59
C ARG A 308 15.18 1.30 -18.20
N VAL A 309 14.37 1.17 -17.14
CA VAL A 309 14.87 0.73 -15.87
C VAL A 309 15.60 -0.62 -16.10
N LYS A 310 16.77 -0.71 -15.44
CA LYS A 310 17.58 -1.94 -15.51
C LYS A 310 17.22 -2.87 -14.39
N THR A 311 17.26 -4.14 -14.69
CA THR A 311 17.14 -5.17 -13.68
C THR A 311 18.54 -5.74 -13.40
N ILE A 312 18.65 -6.51 -12.30
CA ILE A 312 19.94 -7.13 -11.82
C ILE A 312 19.98 -8.53 -12.36
N GLU A 313 21.04 -8.65 -13.18
CA GLU A 313 21.34 -9.74 -14.09
C GLU A 313 20.24 -10.78 -14.27
N MET B 1 7.02 2.49 37.82
CA MET B 1 6.33 2.49 36.44
C MET B 1 6.95 1.55 35.35
N CYS B 2 6.23 0.49 35.01
CA CYS B 2 6.78 -0.52 34.10
C CYS B 2 5.71 -0.90 33.08
N LEU B 3 6.17 -1.48 31.92
CA LEU B 3 5.34 -1.77 30.75
C LEU B 3 4.87 -3.24 30.71
N LYS B 4 4.99 -4.06 31.83
CA LYS B 4 4.71 -5.46 31.78
C LYS B 4 3.24 -5.66 31.53
N LEU B 5 2.94 -6.74 30.83
CA LEU B 5 1.60 -7.18 30.51
C LEU B 5 1.44 -8.67 30.43
N ASN B 6 0.20 -9.20 30.46
CA ASN B 6 -0.14 -10.60 30.38
CA ASN B 6 -0.18 -10.64 30.41
C ASN B 6 -1.09 -10.74 29.24
N LEU B 7 -0.80 -11.71 28.33
CA LEU B 7 -1.60 -12.03 27.15
C LEU B 7 -1.41 -13.48 26.82
N LEU B 8 -2.43 -14.17 26.37
CA LEU B 8 -2.30 -15.52 25.86
C LEU B 8 -1.72 -16.51 26.99
N ASP B 9 -2.05 -16.22 28.23
CA ASP B 9 -1.53 -17.00 29.39
C ASP B 9 0.00 -16.94 29.55
N HIS B 10 0.60 -15.87 29.01
CA HIS B 10 1.99 -15.60 29.23
C HIS B 10 2.18 -14.19 29.78
N VAL B 11 3.28 -13.97 30.44
CA VAL B 11 3.65 -12.67 30.96
C VAL B 11 4.76 -12.09 30.08
N PHE B 12 4.65 -10.76 29.75
CA PHE B 12 5.57 -10.05 28.89
C PHE B 12 6.10 -8.81 29.65
N ALA B 13 7.38 -8.59 29.59
CA ALA B 13 8.02 -7.44 30.30
C ALA B 13 7.60 -6.10 29.70
N ASN B 14 7.18 -6.17 28.42
CA ASN B 14 6.81 -4.99 27.62
C ASN B 14 6.18 -5.53 26.37
N PRO B 15 5.54 -4.65 25.57
CA PRO B 15 4.81 -5.09 24.38
C PRO B 15 5.69 -5.29 23.12
N PHE B 16 6.99 -5.04 23.22
CA PHE B 16 7.84 -5.07 22.05
C PHE B 16 8.40 -6.43 21.68
N MET B 17 8.46 -6.69 20.35
CA MET B 17 9.13 -7.84 19.85
C MET B 17 9.64 -7.59 18.48
N ASN B 18 10.54 -8.46 17.99
CA ASN B 18 10.90 -8.38 16.59
C ASN B 18 9.71 -8.78 15.76
N ALA B 19 9.70 -8.29 14.54
CA ALA B 19 8.87 -8.82 13.47
C ALA B 19 9.47 -10.06 12.83
N ALA B 20 8.62 -11.07 12.49
CA ALA B 20 9.14 -12.27 11.94
C ALA B 20 10.01 -11.96 10.69
N GLY B 21 11.10 -12.71 10.62
CA GLY B 21 12.09 -12.55 9.58
C GLY B 21 13.29 -11.65 9.91
N VAL B 22 13.11 -10.79 10.90
CA VAL B 22 14.18 -9.89 11.28
C VAL B 22 14.89 -10.36 12.55
N LEU B 23 16.21 -10.55 12.46
CA LEU B 23 17.05 -10.98 13.61
C LEU B 23 16.55 -12.28 14.28
N CYS B 24 16.14 -13.25 13.45
CA CYS B 24 15.52 -14.46 13.99
C CYS B 24 15.77 -15.77 13.23
N SER B 25 16.73 -15.77 12.30
CA SER B 25 16.89 -16.89 11.44
C SER B 25 17.79 -18.01 11.95
N THR B 26 18.86 -17.65 12.64
CA THR B 26 19.82 -18.58 13.10
C THR B 26 19.75 -18.70 14.63
N GLU B 27 20.42 -19.67 15.24
CA GLU B 27 20.49 -19.78 16.66
C GLU B 27 21.14 -18.51 17.25
N GLU B 28 22.17 -18.04 16.60
CA GLU B 28 22.83 -16.77 17.03
C GLU B 28 21.77 -15.65 17.07
N ASP B 29 20.96 -15.50 16.01
CA ASP B 29 20.00 -14.39 15.96
C ASP B 29 19.01 -14.58 17.13
N LEU B 30 18.51 -15.80 17.37
CA LEU B 30 17.53 -15.99 18.40
C LEU B 30 18.06 -15.76 19.80
N ARG B 31 19.29 -16.16 20.02
CA ARG B 31 20.03 -15.84 21.24
CA ARG B 31 19.95 -15.82 21.25
C ARG B 31 20.14 -14.32 21.43
N CYS B 32 20.47 -13.61 20.37
CA CYS B 32 20.60 -12.17 20.40
C CYS B 32 19.24 -11.55 20.77
N MET B 33 18.16 -11.94 20.10
CA MET B 33 16.84 -11.40 20.49
C MET B 33 16.44 -11.77 21.89
N THR B 34 16.84 -12.94 22.36
CA THR B 34 16.53 -13.37 23.72
C THR B 34 17.30 -12.47 24.71
N ALA B 35 18.56 -12.15 24.45
CA ALA B 35 19.37 -11.25 25.28
C ALA B 35 18.95 -9.78 25.28
N SER B 36 18.21 -9.35 24.25
CA SER B 36 17.71 -8.02 24.20
C SER B 36 16.66 -7.72 25.26
N SER B 37 16.32 -6.44 25.35
CA SER B 37 15.26 -6.02 26.23
C SER B 37 13.87 -6.23 25.70
N SER B 38 13.71 -6.82 24.52
CA SER B 38 12.32 -7.06 24.02
C SER B 38 11.50 -7.85 24.96
N GLY B 39 10.20 -7.67 24.91
CA GLY B 39 9.25 -8.44 25.71
C GLY B 39 9.07 -9.85 25.22
N ALA B 40 9.32 -10.12 23.91
CA ALA B 40 9.13 -11.42 23.29
C ALA B 40 10.01 -11.50 22.03
N LEU B 41 10.04 -12.64 21.37
CA LEU B 41 10.67 -12.83 20.09
C LEU B 41 9.85 -13.79 19.27
N VAL B 42 10.02 -13.69 17.97
CA VAL B 42 9.36 -14.61 17.02
C VAL B 42 10.49 -15.09 16.09
N SER B 43 10.43 -16.36 15.70
CA SER B 43 11.37 -16.90 14.79
C SER B 43 11.05 -16.60 13.32
N LYS B 44 12.04 -16.79 12.46
CA LYS B 44 11.91 -16.62 10.99
C LYS B 44 10.84 -17.55 10.47
N SER B 45 9.96 -17.11 9.59
CA SER B 45 8.98 -18.08 9.04
C SER B 45 9.71 -19.26 8.41
N CYS B 46 9.20 -20.47 8.75
CA CYS B 46 9.88 -21.69 8.27
C CYS B 46 9.04 -22.54 7.38
N THR B 47 9.83 -23.32 6.65
CA THR B 47 9.33 -24.36 5.73
C THR B 47 9.82 -25.71 6.32
N SER B 48 9.21 -26.78 5.79
CA SER B 48 9.60 -28.10 6.20
C SER B 48 11.04 -28.35 5.97
N ALA B 49 11.55 -28.02 4.80
CA ALA B 49 12.95 -28.17 4.52
C ALA B 49 13.73 -26.85 4.59
N PRO B 50 15.03 -26.93 4.80
CA PRO B 50 15.84 -25.73 4.77
C PRO B 50 15.81 -25.10 3.41
N ARG B 51 15.89 -23.77 3.37
CA ARG B 51 15.94 -23.04 2.13
C ARG B 51 17.02 -21.99 2.16
N ASP B 52 17.74 -21.92 1.03
CA ASP B 52 18.68 -20.84 0.78
C ASP B 52 18.00 -19.49 0.64
N GLY B 53 16.83 -19.48 -0.03
CA GLY B 53 16.21 -18.24 -0.40
C GLY B 53 16.61 -17.73 -1.77
N ASN B 54 16.19 -16.52 -2.08
CA ASN B 54 16.42 -15.91 -3.35
C ASN B 54 17.83 -15.39 -3.50
N PRO B 55 18.21 -15.12 -4.75
CA PRO B 55 19.54 -14.54 -4.93
C PRO B 55 19.69 -13.15 -4.35
N GLU B 56 20.90 -12.83 -3.95
CA GLU B 56 21.21 -11.50 -3.40
C GLU B 56 21.65 -10.56 -4.49
N PRO B 57 21.45 -9.24 -4.33
CA PRO B 57 20.85 -8.60 -3.20
C PRO B 57 19.35 -8.78 -3.15
N ARG B 58 18.86 -9.00 -1.93
CA ARG B 58 17.40 -9.35 -1.73
C ARG B 58 16.74 -8.48 -0.60
N TYR B 59 17.51 -7.63 0.04
CA TYR B 59 17.05 -6.66 1.03
C TYR B 59 17.83 -5.39 0.83
N MET B 60 17.10 -4.25 0.80
CA MET B 60 17.74 -2.97 0.84
CA MET B 60 17.72 -2.96 0.83
C MET B 60 16.93 -2.00 1.63
N ALA B 61 17.58 -1.11 2.34
CA ALA B 61 16.98 -0.08 3.14
C ALA B 61 17.41 1.31 2.81
N PHE B 62 16.52 2.25 3.13
CA PHE B 62 16.55 3.63 2.74
C PHE B 62 15.94 4.45 3.85
N PRO B 63 16.08 5.80 3.74
CA PRO B 63 15.60 6.60 4.83
C PRO B 63 14.12 6.38 5.16
N LEU B 64 13.31 6.11 4.16
CA LEU B 64 11.90 5.89 4.39
C LEU B 64 11.45 4.43 4.65
N GLY B 65 12.35 3.47 4.48
CA GLY B 65 12.00 2.09 4.72
C GLY B 65 12.81 1.09 3.98
N SER B 66 12.23 -0.06 3.69
CA SER B 66 13.00 -1.16 3.10
C SER B 66 12.16 -1.87 2.09
N ILE B 67 12.82 -2.62 1.25
CA ILE B 67 12.25 -3.54 0.27
C ILE B 67 12.96 -4.88 0.38
N ASN B 68 12.20 -5.93 0.24
CA ASN B 68 12.76 -7.28 0.38
C ASN B 68 12.01 -8.24 -0.48
N SER B 69 12.80 -9.18 -1.02
CA SER B 69 12.29 -10.41 -1.60
C SER B 69 13.20 -11.53 -1.12
N MET B 70 13.17 -11.82 0.18
CA MET B 70 14.08 -12.82 0.74
C MET B 70 13.84 -14.17 0.12
N GLY B 71 12.62 -14.55 -0.01
CA GLY B 71 12.28 -15.90 -0.54
C GLY B 71 12.34 -17.00 0.47
N LEU B 72 12.03 -16.72 1.72
CA LEU B 72 11.99 -17.69 2.81
C LEU B 72 13.28 -18.42 3.05
N PRO B 73 14.39 -17.73 3.08
CA PRO B 73 15.59 -18.40 3.57
C PRO B 73 15.42 -18.80 5.00
N ASN B 74 15.63 -20.07 5.38
CA ASN B 74 15.43 -20.46 6.72
C ASN B 74 16.14 -21.79 6.99
N LEU B 75 16.33 -22.12 8.23
CA LEU B 75 17.06 -23.34 8.60
C LEU B 75 16.18 -24.61 8.61
N GLY B 76 14.91 -24.48 8.26
CA GLY B 76 13.99 -25.58 8.28
C GLY B 76 13.32 -25.80 9.63
N PHE B 77 12.11 -26.32 9.60
CA PHE B 77 11.26 -26.49 10.71
C PHE B 77 11.93 -27.26 11.85
N ASP B 78 12.67 -28.33 11.49
CA ASP B 78 13.32 -29.15 12.53
C ASP B 78 14.22 -28.32 13.45
N PHE B 79 14.90 -27.35 12.86
CA PHE B 79 15.74 -26.44 13.62
C PHE B 79 14.97 -25.55 14.57
N TYR B 80 13.91 -24.92 14.05
CA TYR B 80 13.16 -24.00 14.91
C TYR B 80 12.39 -24.72 16.06
N LEU B 81 11.93 -25.94 15.76
CA LEU B 81 11.27 -26.83 16.72
C LEU B 81 12.25 -27.23 17.81
N LYS B 82 13.49 -27.52 17.39
CA LYS B 82 14.51 -27.89 18.37
C LYS B 82 14.92 -26.72 19.26
N TYR B 83 14.94 -25.54 18.61
CA TYR B 83 15.18 -24.31 19.37
C TYR B 83 14.09 -24.14 20.42
N ALA B 84 12.83 -24.27 19.99
CA ALA B 84 11.71 -24.12 20.91
C ALA B 84 11.65 -25.19 22.04
N SER B 85 12.05 -26.41 21.68
CA SER B 85 11.88 -27.55 22.61
C SER B 85 13.06 -27.66 23.53
N ASP B 86 14.25 -27.34 23.08
CA ASP B 86 15.50 -27.60 23.86
C ASP B 86 16.37 -26.41 24.20
N LEU B 87 16.34 -25.33 23.38
CA LEU B 87 17.33 -24.25 23.49
C LEU B 87 16.85 -22.93 24.10
N HIS B 88 15.61 -22.57 23.84
CA HIS B 88 15.10 -21.34 24.31
C HIS B 88 14.93 -21.34 25.81
N ASP B 89 15.36 -20.24 26.39
CA ASP B 89 15.16 -20.01 27.80
C ASP B 89 13.83 -19.20 28.07
N TYR B 90 12.78 -19.95 28.34
CA TYR B 90 11.45 -19.42 28.61
C TYR B 90 11.40 -18.49 29.85
N SER B 91 12.38 -18.57 30.74
CA SER B 91 12.43 -17.70 31.91
C SER B 91 12.77 -16.28 31.49
N LYS B 92 13.31 -16.12 30.28
CA LYS B 92 13.73 -14.83 29.81
C LYS B 92 12.59 -14.04 29.13
N LYS B 93 11.82 -14.73 28.31
CA LYS B 93 10.64 -14.14 27.59
C LYS B 93 9.91 -15.19 26.77
N PRO B 94 8.67 -14.91 26.35
CA PRO B 94 8.00 -15.83 25.53
C PRO B 94 8.55 -15.91 24.12
N LEU B 95 8.35 -17.06 23.51
CA LEU B 95 8.73 -17.35 22.14
C LEU B 95 7.55 -17.65 21.24
N PHE B 96 7.53 -17.01 20.09
CA PHE B 96 6.60 -17.30 19.07
C PHE B 96 7.39 -17.98 17.94
N LEU B 97 6.78 -18.98 17.33
CA LEU B 97 7.36 -19.62 16.17
C LEU B 97 6.47 -19.35 14.93
N SER B 98 7.04 -18.83 13.85
CA SER B 98 6.30 -18.51 12.65
C SER B 98 6.49 -19.64 11.59
N ILE B 99 5.38 -20.11 11.06
CA ILE B 99 5.35 -21.16 10.08
C ILE B 99 4.78 -20.61 8.77
N SER B 100 5.43 -20.91 7.65
CA SER B 100 5.02 -20.51 6.34
C SER B 100 5.29 -21.62 5.30
N GLY B 101 4.59 -22.69 5.50
CA GLY B 101 4.69 -23.82 4.55
C GLY B 101 4.16 -23.40 3.20
N LEU B 102 4.66 -24.06 2.14
CA LEU B 102 4.32 -23.73 0.77
C LEU B 102 3.01 -24.43 0.28
N SER B 103 2.32 -25.13 1.15
CA SER B 103 1.01 -25.74 0.91
C SER B 103 0.34 -25.93 2.23
N VAL B 104 -0.96 -26.19 2.16
CA VAL B 104 -1.68 -26.51 3.35
C VAL B 104 -1.14 -27.78 4.10
N GLU B 105 -0.80 -28.82 3.28
CA GLU B 105 -0.32 -30.08 3.83
C GLU B 105 0.95 -29.92 4.63
N GLU B 106 1.81 -29.08 4.09
CA GLU B 106 3.11 -28.77 4.73
C GLU B 106 2.86 -28.04 6.05
N ASN B 107 1.97 -27.03 6.05
CA ASN B 107 1.59 -26.37 7.32
C ASN B 107 0.96 -27.34 8.33
N VAL B 108 0.03 -28.24 7.85
CA VAL B 108 -0.54 -29.22 8.77
C VAL B 108 0.52 -30.13 9.41
N ALA B 109 1.44 -30.59 8.58
CA ALA B 109 2.51 -31.49 9.02
C ALA B 109 3.40 -30.81 10.09
N MET B 110 3.71 -29.52 9.88
CA MET B 110 4.48 -28.81 10.86
C MET B 110 3.71 -28.55 12.12
N VAL B 111 2.43 -28.07 12.00
CA VAL B 111 1.70 -27.80 13.25
C VAL B 111 1.39 -29.03 14.16
N ARG B 112 1.25 -30.18 13.48
CA ARG B 112 0.97 -31.46 14.25
C ARG B 112 2.15 -31.80 15.13
N ARG B 113 3.34 -31.46 14.63
CA ARG B 113 4.59 -31.64 15.41
C ARG B 113 4.86 -30.53 16.41
N LEU B 114 4.36 -29.28 16.12
CA LEU B 114 4.56 -28.23 17.08
C LEU B 114 3.70 -28.38 18.32
N ALA B 115 2.44 -28.89 18.17
CA ALA B 115 1.48 -28.94 19.28
C ALA B 115 1.98 -29.46 20.62
N PRO B 116 2.66 -30.68 20.65
CA PRO B 116 3.17 -31.12 21.92
C PRO B 116 4.23 -30.27 22.54
N VAL B 117 5.01 -29.57 21.70
CA VAL B 117 5.98 -28.63 22.25
C VAL B 117 5.36 -27.30 22.81
N ALA B 118 4.31 -26.85 22.07
CA ALA B 118 3.43 -25.83 22.58
C ALA B 118 2.81 -26.19 23.93
N GLN B 119 2.21 -27.40 24.05
CA GLN B 119 1.68 -27.83 25.35
C GLN B 119 2.72 -27.89 26.44
N GLU B 120 3.89 -28.45 26.09
CA GLU B 120 4.92 -28.72 27.08
C GLU B 120 5.68 -27.45 27.47
N LYS B 121 6.04 -26.63 26.47
CA LYS B 121 6.95 -25.49 26.68
C LYS B 121 6.24 -24.10 26.59
N GLY B 122 5.07 -24.04 26.00
CA GLY B 122 4.33 -22.80 25.85
C GLY B 122 4.74 -21.92 24.65
N VAL B 123 5.60 -22.40 23.78
CA VAL B 123 5.83 -21.72 22.49
C VAL B 123 4.48 -21.41 21.83
N LEU B 124 4.39 -20.23 21.20
CA LEU B 124 3.22 -19.79 20.50
C LEU B 124 3.34 -19.76 19.04
N LEU B 125 2.35 -20.24 18.30
CA LEU B 125 2.33 -20.31 16.85
C LEU B 125 1.83 -18.99 16.21
N GLU B 126 2.64 -18.41 15.31
CA GLU B 126 2.16 -17.40 14.40
C GLU B 126 2.17 -18.00 13.03
N LEU B 127 0.99 -18.22 12.41
CA LEU B 127 0.85 -18.80 11.11
C LEU B 127 0.90 -17.69 10.04
N ASN B 128 1.89 -17.71 9.15
CA ASN B 128 2.06 -16.63 8.15
C ASN B 128 1.14 -16.92 6.96
N LEU B 129 0.07 -16.10 6.80
CA LEU B 129 -0.89 -16.24 5.70
C LEU B 129 -0.52 -15.48 4.50
N SER B 130 0.67 -14.82 4.48
CA SER B 130 1.39 -14.49 3.19
C SER B 130 2.22 -15.66 2.63
N CYS B 131 2.08 -16.82 3.19
CA CYS B 131 2.76 -17.93 2.67
C CYS B 131 2.29 -18.04 1.23
N PRO B 132 3.19 -18.49 0.39
CA PRO B 132 2.86 -18.58 -1.02
C PRO B 132 1.72 -19.54 -1.18
N ASN B 133 0.78 -19.24 -2.06
CA ASN B 133 -0.39 -20.04 -2.44
C ASN B 133 0.19 -20.86 -3.59
N VAL B 134 -0.66 -21.50 -4.38
CA VAL B 134 -0.20 -22.13 -5.62
C VAL B 134 0.26 -21.03 -6.58
N PRO B 135 1.32 -21.27 -7.37
CA PRO B 135 1.84 -20.20 -8.20
C PRO B 135 0.80 -19.78 -9.21
N GLY B 136 0.71 -18.50 -9.56
CA GLY B 136 -0.37 -18.04 -10.42
C GLY B 136 -1.65 -17.74 -9.64
N LYS B 137 -1.57 -17.83 -8.34
CA LYS B 137 -2.69 -17.40 -7.55
C LYS B 137 -2.17 -16.38 -6.58
N PRO B 138 -3.06 -15.55 -6.07
CA PRO B 138 -2.63 -14.56 -5.09
C PRO B 138 -2.23 -15.18 -3.76
N GLN B 139 -1.55 -14.47 -2.92
CA GLN B 139 -1.08 -15.02 -1.67
C GLN B 139 -2.31 -15.46 -0.90
N VAL B 140 -2.15 -16.41 0.02
CA VAL B 140 -3.30 -17.12 0.55
C VAL B 140 -4.33 -16.12 1.18
N ALA B 141 -3.84 -15.13 1.89
CA ALA B 141 -4.76 -14.23 2.60
C ALA B 141 -5.52 -13.30 1.68
N TYR B 142 -5.12 -13.25 0.44
CA TYR B 142 -5.86 -12.50 -0.55
C TYR B 142 -6.83 -13.41 -1.37
N ASP B 143 -6.91 -14.67 -0.98
CA ASP B 143 -7.82 -15.66 -1.54
C ASP B 143 -8.63 -16.20 -0.35
N PHE B 144 -9.83 -15.68 -0.16
CA PHE B 144 -10.54 -15.87 1.10
C PHE B 144 -10.95 -17.34 1.30
N GLU B 145 -11.29 -18.00 0.20
CA GLU B 145 -11.52 -19.43 0.30
C GLU B 145 -10.33 -20.26 0.64
N ALA B 146 -9.17 -19.99 0.06
CA ALA B 146 -8.01 -20.65 0.55
C ALA B 146 -7.69 -20.32 1.99
N MET B 147 -7.93 -19.07 2.39
CA MET B 147 -7.65 -18.64 3.76
C MET B 147 -8.49 -19.42 4.76
N ARG B 148 -9.76 -19.64 4.41
CA ARG B 148 -10.67 -20.38 5.24
C ARG B 148 -10.22 -21.87 5.36
N THR B 149 -9.75 -22.44 4.26
CA THR B 149 -9.22 -23.81 4.24
C THR B 149 -7.99 -24.04 5.04
N TYR B 150 -7.06 -23.12 4.93
CA TYR B 150 -5.92 -23.24 5.70
C TYR B 150 -6.28 -23.18 7.16
N LEU B 151 -7.15 -22.26 7.54
CA LEU B 151 -7.39 -22.13 8.93
C LEU B 151 -8.20 -23.32 9.44
N GLN B 152 -9.11 -23.85 8.60
CA GLN B 152 -9.84 -25.08 8.98
C GLN B 152 -8.87 -26.23 9.28
N GLN B 153 -7.97 -26.42 8.38
CA GLN B 153 -6.98 -27.53 8.45
C GLN B 153 -6.01 -27.34 9.57
N VAL B 154 -5.47 -26.11 9.74
CA VAL B 154 -4.62 -25.89 10.86
C VAL B 154 -5.27 -26.00 12.21
N SER B 155 -6.48 -25.44 12.35
CA SER B 155 -7.19 -25.50 13.54
C SER B 155 -7.32 -27.00 13.95
N LEU B 156 -7.75 -27.82 12.99
CA LEU B 156 -7.99 -29.26 13.28
C LEU B 156 -6.70 -29.98 13.70
N ALA B 157 -5.67 -29.72 12.96
CA ALA B 157 -4.35 -30.37 13.17
C ALA B 157 -3.67 -29.94 14.45
N TYR B 158 -3.77 -28.64 14.82
CA TYR B 158 -3.02 -28.08 15.87
C TYR B 158 -3.76 -28.18 17.18
N GLY B 159 -5.04 -27.76 17.14
CA GLY B 159 -5.93 -27.90 18.29
C GLY B 159 -5.74 -27.03 19.45
N LEU B 160 -4.82 -26.02 19.35
CA LEU B 160 -4.50 -25.12 20.47
C LEU B 160 -4.59 -23.66 19.96
N PRO B 161 -4.65 -22.72 20.88
CA PRO B 161 -4.72 -21.27 20.48
C PRO B 161 -3.46 -20.91 19.65
N PHE B 162 -3.70 -20.14 18.61
CA PHE B 162 -2.63 -19.68 17.70
C PHE B 162 -2.96 -18.30 17.20
N GLY B 163 -2.07 -17.74 16.41
CA GLY B 163 -2.29 -16.47 15.71
C GLY B 163 -1.91 -16.53 14.30
N VAL B 164 -2.30 -15.48 13.56
CA VAL B 164 -2.09 -15.38 12.15
C VAL B 164 -1.42 -14.05 11.81
N LYS B 165 -0.46 -14.12 10.90
CA LYS B 165 0.17 -12.92 10.35
C LYS B 165 -0.53 -12.58 8.99
N MET B 166 -1.08 -11.34 8.90
CA MET B 166 -1.89 -10.89 7.76
C MET B 166 -1.15 -9.92 6.93
N PRO B 167 -1.34 -9.97 5.61
CA PRO B 167 -0.97 -8.87 4.75
C PRO B 167 -1.93 -7.68 4.94
N PRO B 168 -1.48 -6.46 4.54
CA PRO B 168 -2.42 -5.35 4.55
C PRO B 168 -3.54 -5.50 3.50
N TYR B 169 -4.70 -5.01 3.91
CA TYR B 169 -5.80 -4.73 2.99
C TYR B 169 -6.07 -3.28 2.81
N PHE B 170 -6.73 -2.93 1.71
CA PHE B 170 -6.86 -1.52 1.23
C PHE B 170 -8.26 -1.12 0.88
N ASP B 171 -9.20 -1.98 1.29
CA ASP B 171 -10.60 -1.80 0.86
C ASP B 171 -11.48 -2.27 2.04
N ILE B 172 -12.53 -1.52 2.34
CA ILE B 172 -13.33 -1.79 3.56
C ILE B 172 -14.07 -3.11 3.40
N ALA B 173 -14.58 -3.42 2.20
CA ALA B 173 -15.20 -4.72 1.97
C ALA B 173 -14.26 -5.83 2.30
N HIS B 174 -12.97 -5.68 1.92
CA HIS B 174 -12.01 -6.70 2.21
C HIS B 174 -11.74 -6.83 3.70
N PHE B 175 -11.71 -5.74 4.46
CA PHE B 175 -11.60 -5.82 5.93
C PHE B 175 -12.78 -6.69 6.44
N ASP B 176 -13.96 -6.35 5.96
CA ASP B 176 -15.16 -7.07 6.41
C ASP B 176 -15.08 -8.54 6.11
N THR B 177 -14.68 -8.92 4.90
CA THR B 177 -14.62 -10.32 4.52
C THR B 177 -13.55 -11.05 5.32
N ALA B 178 -12.36 -10.42 5.45
CA ALA B 178 -11.24 -11.10 6.07
C ALA B 178 -11.49 -11.33 7.51
N ALA B 179 -11.99 -10.32 8.19
CA ALA B 179 -12.27 -10.40 9.61
C ALA B 179 -13.37 -11.45 9.87
N ALA B 180 -14.36 -11.53 9.01
CA ALA B 180 -15.34 -12.57 9.12
C ALA B 180 -14.83 -13.95 8.97
N VAL B 181 -13.91 -14.15 8.07
CA VAL B 181 -13.22 -15.44 8.00
C VAL B 181 -12.56 -15.72 9.33
N LEU B 182 -11.70 -14.82 9.81
CA LEU B 182 -11.00 -15.09 10.99
C LEU B 182 -11.86 -15.41 12.22
N ASN B 183 -12.99 -14.74 12.31
CA ASN B 183 -13.91 -14.91 13.42
C ASN B 183 -14.68 -16.27 13.33
N GLU B 184 -14.49 -17.01 12.25
CA GLU B 184 -15.04 -18.40 12.14
C GLU B 184 -14.19 -19.32 12.98
N PHE B 185 -12.99 -18.89 13.32
CA PHE B 185 -12.10 -19.75 14.06
C PHE B 185 -11.97 -19.22 15.46
N PRO B 186 -12.32 -20.04 16.45
CA PRO B 186 -12.12 -19.64 17.79
C PRO B 186 -10.67 -19.85 18.31
N LEU B 187 -9.92 -20.74 17.66
CA LEU B 187 -8.54 -20.99 18.05
C LEU B 187 -7.61 -19.84 17.62
N VAL B 188 -8.08 -19.01 16.70
CA VAL B 188 -7.27 -17.83 16.27
C VAL B 188 -7.42 -16.76 17.32
N LYS B 189 -6.45 -16.63 18.21
CA LYS B 189 -6.50 -15.75 19.34
C LYS B 189 -5.79 -14.41 19.17
N PHE B 190 -4.91 -14.35 18.16
CA PHE B 190 -4.29 -13.04 17.81
C PHE B 190 -4.11 -12.97 16.32
N VAL B 191 -4.15 -11.70 15.88
CA VAL B 191 -4.05 -11.35 14.50
C VAL B 191 -2.90 -10.31 14.42
N THR B 192 -1.90 -10.55 13.61
CA THR B 192 -0.75 -9.62 13.50
C THR B 192 -0.94 -8.90 12.18
N CYS B 193 -1.08 -7.57 12.31
CA CYS B 193 -1.30 -6.66 11.17
C CYS B 193 -0.18 -5.66 11.21
N VAL B 194 0.75 -5.64 10.25
CA VAL B 194 0.70 -6.24 8.93
C VAL B 194 2.06 -6.78 8.50
N ASN B 195 1.99 -7.70 7.56
CA ASN B 195 3.18 -8.02 6.78
C ASN B 195 3.54 -6.86 5.82
N SER B 196 4.59 -7.06 5.02
CA SER B 196 5.05 -6.00 4.11
C SER B 196 4.04 -5.65 3.02
N VAL B 197 3.95 -4.36 2.70
CA VAL B 197 3.07 -3.86 1.58
C VAL B 197 3.64 -4.46 0.27
N GLY B 198 2.88 -5.34 -0.35
CA GLY B 198 3.41 -6.25 -1.34
C GLY B 198 3.83 -5.58 -2.61
N ASN B 199 4.93 -6.10 -3.22
CA ASN B 199 5.29 -5.81 -4.60
C ASN B 199 5.39 -4.30 -4.93
N GLY B 200 6.14 -3.61 -4.05
CA GLY B 200 6.67 -2.31 -4.40
C GLY B 200 7.91 -2.40 -5.29
N LEU B 201 8.39 -1.28 -5.73
CA LEU B 201 9.54 -1.23 -6.67
C LEU B 201 10.33 -0.01 -6.34
N VAL B 202 11.54 -0.23 -5.84
CA VAL B 202 12.46 0.88 -5.57
C VAL B 202 13.50 0.94 -6.73
N ILE B 203 13.70 2.12 -7.25
CA ILE B 203 14.65 2.36 -8.37
C ILE B 203 15.65 3.42 -7.92
N ASP B 204 16.92 3.17 -8.19
CA ASP B 204 18.03 4.09 -7.93
C ASP B 204 18.21 4.99 -9.18
N ALA B 205 18.06 6.31 -9.00
CA ALA B 205 18.16 7.21 -10.10
C ALA B 205 19.54 7.24 -10.72
N GLU B 206 20.60 7.18 -9.91
CA GLU B 206 21.97 7.29 -10.43
C GLU B 206 22.38 6.15 -11.37
N SER B 207 22.00 4.93 -11.01
CA SER B 207 22.33 3.75 -11.72
C SER B 207 21.24 3.35 -12.67
N GLU B 208 20.06 3.92 -12.49
CA GLU B 208 18.90 3.64 -13.37
C GLU B 208 18.41 2.20 -13.21
N SER B 209 18.64 1.60 -12.05
CA SER B 209 18.44 0.22 -11.80
C SER B 209 17.57 -0.03 -10.61
N VAL B 210 16.80 -1.10 -10.69
CA VAL B 210 16.18 -1.65 -9.45
C VAL B 210 17.29 -2.03 -8.44
N VAL B 211 16.88 -2.22 -7.16
CA VAL B 211 17.88 -2.38 -6.10
C VAL B 211 17.98 -3.73 -5.49
N ILE B 212 17.02 -4.57 -5.78
CA ILE B 212 17.07 -5.98 -5.49
C ILE B 212 16.99 -6.84 -6.71
N LYS B 213 17.64 -8.00 -6.64
CA LYS B 213 17.75 -8.93 -7.80
C LYS B 213 16.54 -9.74 -8.12
N PRO B 214 15.91 -10.40 -7.12
CA PRO B 214 14.72 -11.23 -7.43
C PRO B 214 13.58 -10.43 -8.06
N LYS B 215 12.71 -11.15 -8.78
CA LYS B 215 11.45 -10.63 -9.22
C LYS B 215 11.57 -9.28 -9.97
N GLN B 216 12.63 -9.07 -10.75
CA GLN B 216 12.84 -7.85 -11.48
C GLN B 216 12.78 -6.57 -10.62
N GLY B 217 13.14 -6.72 -9.36
CA GLY B 217 13.22 -5.59 -8.45
C GLY B 217 12.02 -5.46 -7.52
N PHE B 218 10.96 -6.22 -7.77
CA PHE B 218 9.68 -6.09 -7.01
C PHE B 218 9.85 -6.78 -5.65
N GLY B 219 9.37 -6.18 -4.57
CA GLY B 219 9.48 -6.75 -3.23
C GLY B 219 8.57 -6.07 -2.24
N GLY B 220 8.46 -6.67 -1.09
CA GLY B 220 7.60 -6.12 -0.05
C GLY B 220 8.23 -4.96 0.62
N LEU B 221 7.42 -3.95 0.90
CA LEU B 221 7.86 -2.72 1.54
C LEU B 221 7.57 -2.79 3.06
N GLY B 222 8.53 -2.25 3.79
CA GLY B 222 8.38 -2.01 5.18
C GLY B 222 8.89 -0.62 5.57
N GLY B 223 8.70 -0.23 6.84
CA GLY B 223 9.20 1.01 7.38
C GLY B 223 8.27 2.19 7.30
N LYS B 224 8.86 3.37 7.18
CA LYS B 224 8.03 4.55 7.26
C LYS B 224 6.98 4.64 6.20
N TYR B 225 7.21 4.10 5.00
CA TYR B 225 6.26 4.04 3.97
C TYR B 225 4.89 3.50 4.41
N ILE B 226 4.85 2.59 5.40
CA ILE B 226 3.71 1.75 5.60
C ILE B 226 2.99 2.00 6.94
N LEU B 227 3.43 3.01 7.68
CA LEU B 227 2.81 3.23 9.05
C LEU B 227 1.30 3.51 8.96
N PRO B 228 0.82 4.42 8.07
CA PRO B 228 -0.63 4.65 8.08
C PRO B 228 -1.47 3.40 7.59
N THR B 229 -0.88 2.60 6.69
CA THR B 229 -1.49 1.35 6.23
C THR B 229 -1.58 0.41 7.41
N ALA B 230 -0.48 0.28 8.12
CA ALA B 230 -0.42 -0.60 9.30
C ALA B 230 -1.44 -0.24 10.37
N LEU B 231 -1.50 1.05 10.73
CA LEU B 231 -2.44 1.55 11.69
C LEU B 231 -3.89 1.26 11.27
N ALA B 232 -4.18 1.45 9.99
CA ALA B 232 -5.54 1.17 9.48
C ALA B 232 -5.91 -0.27 9.64
N ASN B 233 -5.01 -1.17 9.27
CA ASN B 233 -5.25 -2.58 9.43
C ASN B 233 -5.39 -3.01 10.89
N VAL B 234 -4.53 -2.49 11.74
CA VAL B 234 -4.62 -2.78 13.19
C VAL B 234 -6.03 -2.37 13.66
N ASN B 235 -6.44 -1.14 13.36
CA ASN B 235 -7.72 -0.68 13.87
C ASN B 235 -8.88 -1.41 13.25
N ALA B 236 -8.80 -1.70 11.95
CA ALA B 236 -9.91 -2.36 11.26
C ALA B 236 -10.15 -3.68 11.94
N PHE B 237 -9.12 -4.49 12.16
CA PHE B 237 -9.25 -5.81 12.83
C PHE B 237 -9.56 -5.69 14.30
N TYR B 238 -9.06 -4.68 15.00
CA TYR B 238 -9.40 -4.46 16.38
C TYR B 238 -10.90 -4.26 16.52
N ARG B 239 -11.48 -3.42 15.66
CA ARG B 239 -12.91 -3.17 15.67
C ARG B 239 -13.69 -4.45 15.31
N ARG B 240 -13.21 -5.21 14.37
CA ARG B 240 -13.98 -6.34 13.84
C ARG B 240 -13.85 -7.65 14.60
N CYS B 241 -12.78 -7.74 15.38
CA CYS B 241 -12.41 -9.00 16.09
C CYS B 241 -12.37 -8.75 17.57
N PRO B 242 -13.50 -8.43 18.21
CA PRO B 242 -13.51 -8.14 19.66
C PRO B 242 -13.09 -9.27 20.61
N ASP B 243 -13.15 -10.51 20.18
CA ASP B 243 -12.72 -11.67 20.92
C ASP B 243 -11.32 -12.16 20.64
N LYS B 244 -10.55 -11.37 19.86
CA LYS B 244 -9.17 -11.65 19.52
C LYS B 244 -8.28 -10.50 20.02
N LEU B 245 -7.01 -10.77 20.12
CA LEU B 245 -5.97 -9.75 20.30
C LEU B 245 -5.51 -9.40 18.87
N VAL B 246 -5.05 -8.12 18.73
CA VAL B 246 -4.38 -7.65 17.54
C VAL B 246 -2.96 -7.28 17.94
N PHE B 247 -1.99 -7.73 17.16
CA PHE B 247 -0.58 -7.38 17.28
C PHE B 247 -0.27 -6.42 16.12
N GLY B 248 0.32 -5.26 16.45
CA GLY B 248 0.67 -4.29 15.42
C GLY B 248 2.06 -4.48 14.91
N CYS B 249 2.19 -4.32 13.60
CA CYS B 249 3.51 -4.38 12.95
C CYS B 249 3.48 -3.48 11.75
N GLY B 250 4.46 -2.59 11.62
CA GLY B 250 4.61 -1.80 10.39
C GLY B 250 4.97 -0.37 10.76
N GLY B 251 6.17 0.04 10.39
CA GLY B 251 6.55 1.47 10.53
C GLY B 251 6.91 1.92 11.87
N VAL B 252 7.22 1.00 12.81
CA VAL B 252 7.58 1.43 14.15
C VAL B 252 9.07 1.76 14.17
N TYR B 253 9.38 3.04 14.45
CA TYR B 253 10.77 3.47 14.66
C TYR B 253 10.92 4.13 16.01
N SER B 254 9.87 4.43 16.70
CA SER B 254 9.93 5.24 17.94
C SER B 254 8.85 4.84 18.85
N GLY B 255 8.99 5.24 20.12
CA GLY B 255 7.94 5.03 21.07
C GLY B 255 6.62 5.73 20.67
N GLU B 256 6.68 6.87 19.99
CA GLU B 256 5.47 7.51 19.47
C GLU B 256 4.78 6.62 18.47
N ASP B 257 5.54 6.01 17.58
CA ASP B 257 4.92 5.15 16.60
C ASP B 257 4.25 3.96 17.30
N ALA B 258 4.87 3.38 18.31
CA ALA B 258 4.32 2.30 19.11
C ALA B 258 3.04 2.74 19.84
N PHE B 259 3.08 3.97 20.38
CA PHE B 259 1.92 4.55 20.99
C PHE B 259 0.71 4.62 20.05
N LEU B 260 0.98 5.01 18.77
CA LEU B 260 -0.08 5.08 17.77
C LEU B 260 -0.64 3.65 17.51
N HIS B 261 0.25 2.63 17.37
CA HIS B 261 -0.24 1.30 17.17
C HIS B 261 -1.11 0.82 18.35
N ILE B 262 -0.72 1.18 19.57
CA ILE B 262 -1.50 0.76 20.74
C ILE B 262 -2.84 1.51 20.77
N LEU B 263 -2.85 2.80 20.46
CA LEU B 263 -4.08 3.57 20.38
C LEU B 263 -5.03 2.95 19.40
N ALA B 264 -4.47 2.44 18.25
CA ALA B 264 -5.25 1.77 17.26
C ALA B 264 -5.81 0.44 17.61
N GLY B 265 -5.25 -0.17 18.65
CA GLY B 265 -5.69 -1.44 19.14
C GLY B 265 -4.61 -2.51 19.44
N ALA B 266 -3.36 -2.25 19.16
CA ALA B 266 -2.30 -3.24 19.34
C ALA B 266 -2.07 -3.63 20.80
N SER B 267 -1.92 -4.94 20.95
CA SER B 267 -1.48 -5.56 22.22
C SER B 267 -0.01 -5.92 22.37
N MET B 268 0.61 -6.42 21.35
CA MET B 268 2.05 -6.42 21.17
C MET B 268 2.37 -5.54 19.96
N VAL B 269 3.61 -5.05 19.90
CA VAL B 269 4.08 -4.21 18.81
C VAL B 269 5.39 -4.79 18.32
N GLN B 270 5.38 -5.11 17.05
CA GLN B 270 6.51 -5.77 16.38
C GLN B 270 7.31 -4.74 15.55
N VAL B 271 8.64 -5.00 15.49
CA VAL B 271 9.59 -4.06 14.88
C VAL B 271 10.42 -4.82 13.86
N GLY B 272 10.28 -4.44 12.57
CA GLY B 272 10.91 -5.09 11.52
C GLY B 272 12.10 -4.25 11.00
N THR B 273 11.84 -3.44 9.96
CA THR B 273 12.85 -2.59 9.33
C THR B 273 13.67 -1.83 10.32
N ALA B 274 13.04 -1.12 11.22
CA ALA B 274 13.84 -0.31 12.16
C ALA B 274 14.85 -1.11 13.00
N LEU B 275 14.47 -2.34 13.32
CA LEU B 275 15.29 -3.29 14.09
C LEU B 275 16.42 -3.79 13.17
N GLN B 276 16.12 -4.13 11.94
CA GLN B 276 17.13 -4.50 10.97
C GLN B 276 18.16 -3.40 10.81
N GLU B 277 17.76 -2.14 10.85
CA GLU B 277 18.66 -1.05 10.60
C GLU B 277 19.43 -0.62 11.85
N GLU B 278 18.78 -0.58 13.02
CA GLU B 278 19.39 -0.06 14.24
C GLU B 278 20.01 -1.13 15.13
N GLY B 279 19.53 -2.35 15.03
CA GLY B 279 19.98 -3.40 15.86
C GLY B 279 19.14 -3.48 17.14
N PRO B 280 19.41 -4.46 18.03
CA PRO B 280 18.56 -4.74 19.16
C PRO B 280 18.51 -3.73 20.30
N GLY B 281 19.50 -2.86 20.25
CA GLY B 281 19.49 -1.70 21.15
C GLY B 281 18.23 -0.88 21.00
N ILE B 282 17.54 -1.00 19.85
CA ILE B 282 16.36 -0.21 19.62
C ILE B 282 15.34 -0.48 20.73
N PHE B 283 15.29 -1.69 21.32
CA PHE B 283 14.26 -2.03 22.27
C PHE B 283 14.35 -1.19 23.53
N THR B 284 15.53 -0.86 24.03
CA THR B 284 15.57 -0.01 25.21
C THR B 284 15.10 1.36 24.91
N ARG B 285 15.41 1.90 23.71
CA ARG B 285 14.96 3.20 23.25
C ARG B 285 13.49 3.24 23.10
N LEU B 286 12.89 2.25 22.50
CA LEU B 286 11.45 2.25 22.37
C LEU B 286 10.74 2.23 23.67
N GLU B 287 11.20 1.41 24.62
CA GLU B 287 10.56 1.37 25.92
C GLU B 287 10.64 2.70 26.60
N ASP B 288 11.83 3.29 26.61
CA ASP B 288 12.02 4.61 27.24
C ASP B 288 11.08 5.63 26.64
N GLU B 289 11.04 5.67 25.30
CA GLU B 289 10.21 6.64 24.60
C GLU B 289 8.73 6.41 24.88
N LEU B 290 8.26 5.19 24.90
CA LEU B 290 6.84 4.90 25.15
C LEU B 290 6.50 5.32 26.61
N LEU B 291 7.36 4.98 27.59
CA LEU B 291 7.13 5.38 28.97
C LEU B 291 7.13 6.89 29.09
N GLU B 292 7.94 7.62 28.31
CA GLU B 292 7.98 9.08 28.41
C GLU B 292 6.68 9.67 27.92
N ILE B 293 6.17 9.19 26.77
CA ILE B 293 4.89 9.71 26.26
C ILE B 293 3.74 9.40 27.23
N MET B 294 3.71 8.22 27.80
CA MET B 294 2.72 7.80 28.84
C MET B 294 2.79 8.77 30.00
N ALA B 295 3.99 9.01 30.50
CA ALA B 295 4.14 9.88 31.70
C ALA B 295 3.63 11.27 31.36
N ARG B 296 3.98 11.79 30.22
CA ARG B 296 3.55 13.17 29.84
C ARG B 296 2.04 13.23 29.76
N LYS B 297 1.39 12.16 29.35
CA LYS B 297 -0.05 12.11 29.23
C LYS B 297 -0.81 11.73 30.54
N GLY B 298 -0.10 11.22 31.52
CA GLY B 298 -0.73 10.70 32.72
C GLY B 298 -1.23 9.30 32.62
N TYR B 299 -0.77 8.50 31.62
CA TYR B 299 -1.24 7.17 31.51
C TYR B 299 -0.30 6.25 32.33
N ARG B 300 -0.90 5.42 33.18
CA ARG B 300 -0.14 4.46 34.00
C ARG B 300 -0.22 3.00 33.52
N THR B 301 -0.98 2.74 32.47
CA THR B 301 -1.13 1.38 31.95
C THR B 301 -1.35 1.50 30.44
N LEU B 302 -1.03 0.42 29.74
CA LEU B 302 -1.36 0.28 28.33
C LEU B 302 -2.84 0.16 28.10
N GLU B 303 -3.50 -0.54 29.02
CA GLU B 303 -4.91 -0.72 28.90
C GLU B 303 -5.71 0.58 28.91
N GLU B 304 -5.21 1.59 29.55
CA GLU B 304 -5.89 2.89 29.65
C GLU B 304 -6.13 3.52 28.30
N PHE B 305 -5.29 3.19 27.34
CA PHE B 305 -5.43 3.80 26.00
C PHE B 305 -5.45 2.87 24.83
N ARG B 306 -5.30 1.58 25.06
CA ARG B 306 -5.32 0.67 23.94
C ARG B 306 -6.68 0.79 23.25
N GLY B 307 -6.65 0.90 21.92
CA GLY B 307 -7.83 0.95 21.11
C GLY B 307 -8.66 2.22 21.28
N ARG B 308 -8.15 3.20 22.00
CA ARG B 308 -8.92 4.39 22.35
C ARG B 308 -8.69 5.56 21.43
N VAL B 309 -8.20 5.30 20.23
CA VAL B 309 -8.09 6.34 19.20
C VAL B 309 -9.47 7.02 19.08
N LYS B 310 -9.46 8.34 19.03
CA LYS B 310 -10.66 9.13 18.91
C LYS B 310 -11.00 9.38 17.44
N THR B 311 -12.29 9.32 17.15
CA THR B 311 -12.82 9.72 15.81
C THR B 311 -13.42 11.11 15.91
N ILE B 312 -13.67 11.74 14.77
CA ILE B 312 -14.21 13.08 14.78
C ILE B 312 -15.70 13.03 14.52
N GLU B 313 -16.46 13.66 15.44
CA GLU B 313 -17.92 13.84 15.43
C GLU B 313 -18.63 12.51 15.26
O W7D C . -13.15 12.15 -4.24
C W7D C . -12.48 11.32 -3.59
OXT W7D C . -12.52 11.06 -2.39
CA W7D C . -11.36 10.65 -4.36
N W7D C . -10.12 10.64 -3.65
CAR W7D C . -9.05 9.97 -4.15
OAC W7D C . -7.95 9.96 -3.56
ND2 W7D C . -9.21 9.27 -5.30
CG W7D C . -10.40 9.17 -6.06
OD1 W7D C . -10.47 8.57 -7.14
CB W7D C . -11.49 9.92 -5.56
CAM W7D C . -12.85 9.78 -6.16
CAL W7D C . -13.45 8.34 -6.00
CAT W7D C . -13.84 8.16 -4.66
CAK W7D C . -15.17 8.35 -4.16
CAW W7D C . -15.48 8.18 -2.73
CAH W7D C . -12.85 7.73 -3.74
CAJ W7D C . -13.17 7.64 -2.34
CAV W7D C . -14.44 7.83 -1.85
CAI W7D C . -14.68 7.67 -0.43
CAF W7D C . -15.99 7.87 -0.06
CAG W7D C . -17.04 8.22 -0.89
CAU W7D C . -16.80 8.34 -2.30
OAP W7D C . -17.67 8.71 -3.23
CAA W7D C . -19.05 8.87 -2.76
C1 GOL D . -6.05 -5.80 -0.92
O1 GOL D . -7.21 -4.94 -0.30
C2 GOL D . -5.58 -5.98 -2.50
O2 GOL D . -5.94 -4.80 -3.21
C3 GOL D . -4.14 -6.29 -3.15
O3 GOL D . -3.63 -6.30 -4.69
C1 GOL E . -8.18 20.39 0.64
O1 GOL E . -8.05 21.38 1.69
C2 GOL E . -8.98 20.98 -0.45
O2 GOL E . -10.32 20.87 0.00
C3 GOL E . -8.72 20.22 -1.71
O3 GOL E . -9.74 20.40 -2.74
C1 GOL F . -0.79 13.75 12.47
O1 GOL F . -1.04 15.07 13.01
C2 GOL F . 0.71 13.52 12.20
O2 GOL F . 1.34 13.54 13.45
C3 GOL F . 0.99 12.22 11.47
O3 GOL F . 2.39 12.01 11.25
C1 GOL G . -16.14 -2.04 12.56
O1 GOL G . -16.42 -3.14 13.42
C2 GOL G . -17.39 -1.20 12.40
O2 GOL G . -18.35 -1.88 11.62
C3 GOL G . -17.03 0.04 11.63
O3 GOL G . -15.99 0.71 12.32
C1 GOL H . -4.90 -13.63 -15.30
O1 GOL H . -5.10 -14.97 -14.84
C2 GOL H . -4.03 -13.60 -16.55
O2 GOL H . -4.83 -13.97 -17.69
C3 GOL H . -2.84 -14.54 -16.39
O3 GOL H . -1.70 -14.02 -17.07
C1 GOL I . -1.74 30.20 -12.50
C1 GOL I . -1.23 31.02 -12.37
O1 GOL I . -2.65 30.90 -11.66
O1 GOL I . -2.57 31.04 -11.77
C2 GOL I . -0.35 30.16 -11.87
C2 GOL I . -0.31 29.83 -12.03
O2 GOL I . 0.06 31.49 -11.59
O2 GOL I . -0.67 28.67 -12.70
C3 GOL I . 0.70 29.43 -12.71
C3 GOL I . 1.17 30.06 -12.37
O3 GOL I . 1.81 28.88 -11.95
O3 GOL I . 2.01 28.97 -11.96
C1 GOL J . 7.60 -9.38 -10.75
O1 GOL J . 8.01 -10.76 -10.76
C2 GOL J . 6.98 -9.11 -12.11
O2 GOL J . 5.78 -9.86 -12.17
C3 GOL J . 6.77 -7.66 -12.47
O3 GOL J . 6.37 -7.55 -13.85
C1 GOL K . -13.08 0.86 9.41
O1 GOL K . -13.51 0.10 10.56
C2 GOL K . -14.31 1.54 8.85
O2 GOL K . -15.08 0.50 8.22
C3 GOL K . -14.00 2.67 7.86
O3 GOL K . -15.25 3.24 7.46
C1 GOL L . 6.43 -3.16 -23.00
O1 GOL L . 7.73 -3.40 -22.44
C2 GOL L . 6.61 -2.47 -24.37
O2 GOL L . 7.77 -1.68 -24.38
C3 GOL L . 5.42 -1.56 -24.71
O3 GOL L . 5.75 -0.22 -25.08
N1 FMN M . -8.05 10.63 -8.18
C2 FMN M . -9.03 10.56 -9.14
O2 FMN M . -8.83 9.79 -10.11
N3 FMN M . -10.11 11.36 -9.09
C4 FMN M . -10.31 12.27 -8.15
O4 FMN M . -11.32 13.04 -8.16
C4A FMN M . -9.35 12.36 -7.09
N5 FMN M . -9.49 13.28 -6.14
C5A FMN M . -8.46 13.48 -5.26
C6 FMN M . -8.52 14.50 -4.32
C7 FMN M . -7.47 14.75 -3.44
C7M FMN M . -7.52 15.86 -2.43
C8 FMN M . -6.32 13.94 -3.51
C8M FMN M . -5.14 14.15 -2.59
C9 FMN M . -6.26 12.93 -4.41
C9A FMN M . -7.29 12.65 -5.31
N10 FMN M . -7.18 11.61 -6.27
C10 FMN M . -8.20 11.49 -7.16
C1' FMN M . -5.99 10.76 -6.32
C2' FMN M . -4.87 11.46 -7.05
O2' FMN M . -5.28 11.72 -8.42
C3' FMN M . -3.62 10.63 -7.06
O3' FMN M . -3.96 9.42 -7.81
C4' FMN M . -3.14 10.22 -5.63
O4' FMN M . -3.26 11.41 -4.79
C5' FMN M . -1.62 9.83 -5.71
O5' FMN M . -0.78 10.81 -6.24
P FMN M . 0.16 11.70 -5.26
O1P FMN M . 0.88 12.65 -6.21
O2P FMN M . 1.02 10.74 -4.52
O3P FMN M . -0.83 12.43 -4.31
CO NCO N . -1.70 25.81 -0.40
N1 NCO N . -2.47 27.40 -1.42
N2 NCO N . -0.96 24.22 0.64
N3 NCO N . -3.23 24.56 -1.01
N4 NCO N . -0.59 25.19 -2.04
N5 NCO N . -0.22 27.09 0.21
N6 NCO N . -2.82 26.40 1.24
O W7D O . 10.91 -14.42 3.14
C W7D O . 10.35 -13.43 2.55
OXT W7D O . 10.62 -12.95 1.44
CA W7D O . 9.30 -12.77 3.33
N W7D O . 9.40 -11.36 3.30
CAR W7D O . 8.38 -10.60 3.85
OAC W7D O . 8.46 -9.37 3.92
ND2 W7D O . 7.31 -11.24 4.46
CG W7D O . 7.11 -12.61 4.49
OD1 W7D O . 6.12 -13.09 5.04
CB W7D O . 8.14 -13.37 3.94
CAM W7D O . 7.94 -14.89 3.71
CAL W7D O . 6.80 -15.22 2.74
CAT W7D O . 7.22 -14.94 1.46
CAK W7D O . 7.77 -15.89 0.57
CAW W7D O . 8.23 -15.47 -0.73
CAH W7D O . 7.06 -13.63 0.96
CAJ W7D O . 7.52 -13.24 -0.33
CAV W7D O . 8.14 -14.15 -1.14
CAI W7D O . 8.55 -13.78 -2.44
CAF W7D O . 9.11 -14.74 -3.25
CAG W7D O . 9.22 -16.05 -2.85
CAU W7D O . 8.78 -16.43 -1.55
OAP W7D O . 8.82 -17.70 -1.02
CAA W7D O . 9.12 -18.79 -1.93
C1 GOL P . 21.51 -13.70 10.68
O1 GOL P . 20.59 -14.33 9.95
C2 GOL P . 20.62 -12.48 10.63
O2 GOL P . 20.60 -12.46 9.54
C3 GOL P . 19.07 -12.40 10.50
O3 GOL P . 18.86 -11.89 9.22
C1 GOL Q . 7.82 -9.86 -16.89
O1 GOL Q . 7.62 -9.08 -15.73
C2 GOL Q . 6.45 -10.31 -17.39
O2 GOL Q . 5.80 -11.16 -16.44
C3 GOL Q . 5.62 -9.05 -17.65
O3 GOL Q . 4.90 -9.07 -18.91
C1 GOL R . 9.29 -15.27 32.17
O1 GOL R . 8.57 -16.50 32.12
C2 GOL R . 8.42 -14.16 31.62
O2 GOL R . 7.68 -14.58 30.42
C3 GOL R . 9.42 -13.01 31.47
O3 GOL R . 8.72 -11.81 31.10
C1 GOL S . 18.68 -9.87 6.73
O1 GOL S . 18.46 -11.29 6.93
C2 GOL S . 19.87 -9.59 5.86
O2 GOL S . 20.00 -10.65 4.92
C3 GOL S . 19.66 -8.30 5.14
O3 GOL S . 20.63 -8.20 4.09
C1 GOL T . 3.39 -9.66 2.26
O1 GOL T . 2.22 -8.77 2.19
C2 GOL T . 4.28 -9.96 1.02
O2 GOL T . 4.83 -8.72 0.56
C3 GOL T . 5.58 -10.74 1.17
O3 GOL T . 6.72 -9.79 1.45
C1 GOL U . -12.49 -5.49 21.39
O1 GOL U . -11.36 -5.80 22.22
C2 GOL U . -13.25 -4.19 21.70
O2 GOL U . -12.93 -3.66 22.98
C3 GOL U . -13.05 -3.11 20.63
O3 GOL U . -13.33 -3.62 19.33
C1 GOL V . 7.84 -17.53 28.40
O1 GOL V . 8.34 -16.55 29.21
C2 GOL V . 6.69 -18.45 28.80
O2 GOL V . 6.98 -19.43 29.81
C3 GOL V . 6.45 -19.12 27.45
O3 GOL V . 6.11 -20.54 27.22
N1 FMN W . 7.13 -11.51 7.80
C2 FMN W . 6.81 -12.81 8.13
O2 FMN W . 5.72 -13.01 8.64
N3 FMN W . 7.71 -13.83 7.99
C4 FMN W . 8.92 -13.64 7.51
O4 FMN W . 9.80 -14.58 7.43
C4A FMN W . 9.36 -12.29 7.14
N5 FMN W . 10.58 -12.05 6.68
C5A FMN W . 11.03 -10.80 6.60
C6 FMN W . 12.31 -10.51 6.25
C7 FMN W . 12.74 -9.22 6.07
C7M FMN W . 14.17 -8.87 5.71
C8 FMN W . 11.88 -8.12 6.28
C8M FMN W . 12.27 -6.64 6.13
C9 FMN W . 10.58 -8.45 6.60
C9A FMN W . 10.11 -9.70 6.76
N10 FMN W . 8.80 -9.97 7.13
C10 FMN W . 8.38 -11.25 7.33
C1' FMN W . 7.79 -8.95 7.30
C2' FMN W . 7.93 -8.26 8.63
O2' FMN W . 7.66 -9.23 9.71
C3' FMN W . 7.00 -7.07 8.82
O3' FMN W . 5.66 -7.60 8.75
C4' FMN W . 7.21 -5.95 7.75
O4' FMN W . 8.62 -5.76 7.50
C5' FMN W . 6.61 -4.62 8.22
O5' FMN W . 7.13 -4.19 9.44
P FMN W . 8.21 -2.97 9.46
O1P FMN W . 8.60 -2.82 10.86
O2P FMN W . 7.56 -1.78 8.83
O3P FMN W . 9.39 -3.47 8.59
#